data_7Q8E
#
_entry.id   7Q8E
#
_cell.length_a   107.094
_cell.length_b   111.094
_cell.length_c   112.424
_cell.angle_alpha   90.000
_cell.angle_beta   90.000
_cell.angle_gamma   90.000
#
_symmetry.space_group_name_H-M   'P 21 21 21'
#
loop_
_entity.id
_entity.type
_entity.pdbx_description
1 polymer 'Lipid II isoglutaminyl synthase (glutamine-hydrolyzing) subunit MurT'
2 polymer 'Lipid II isoglutaminyl synthase (glutamine-hydrolyzing) subunit GatD'
3 non-polymer 'ZINC ION'
4 non-polymer 'CHLORIDE ION'
5 water water
#
loop_
_entity_poly.entity_id
_entity_poly.type
_entity_poly.pdbx_seq_one_letter_code
_entity_poly.pdbx_strand_id
1 'polypeptide(L)'
;MRQWTAIHLAKLARKASRAVGKRGTDLPGQIARKVDTDILRKLAEQVDDIVFISGTNGKTTTSNLIGHTLKANNIQIIHN
NEGANMAAGITSAFIMQSTPKTKIAVIEIDEGSIPRVLKEVTPSMMVFTNFFRDQMDRFGEIDIMVNNIAETISNKGIKL
LLNADDPFVSRLKIASDTIVYYGMKAHAHEFEQSTMNESRYCPNCGRLLQYDYIHYNQIGHYHCQCGFKREQAKYEISSF
DVAPFLYLNINDEKYDMKIAGDFNAYNALAAYTVLRELGLNEQTIKNGFETYTSDNGRMQYFKKERKEAMINLAKNPAGM
NASLSVGEQLEGEKVYVISLNDNAADGRDTSWIYDADFEKLSKQQIEAIIVTGTRAEELQLRLKLAEVEVPIIVERDIYK
ATAKTMDYKGFTVAIPNYTSLAPMLEQLNRSFEGGQS
;
A,C
2 'polypeptide(L)'
;MHELTIYHFMSDKLNLYSDIGNIIALRQRAKKRNIKVNVVEINETEGITFDECDIFFIGGGSDREQALATKELSKIKTPL
KEAIEDGMPGLTICGGYQFLGKKYITPDGTELEGLGILDFYTESKTNRLTGDIVIESDTFGTIVGFENHGGRTYHDFGTL
GHVTFGYGNNDEDKKEGIHYKNLLGTYLHGPILPKNYEITDYLLEKACERKGIPFEPKEIDNEAEIQAKQVLIDRANRQK
KSRLEHHHHHH
;
B,D
#
loop_
_chem_comp.id
_chem_comp.type
_chem_comp.name
_chem_comp.formula
CL non-polymer 'CHLORIDE ION' 'Cl -1'
ZN non-polymer 'ZINC ION' 'Zn 2'
#
# COMPACT_ATOMS: atom_id res chain seq x y z
N ASP A 38 -26.69 10.76 24.86
CA ASP A 38 -27.25 11.17 26.14
C ASP A 38 -28.28 10.13 26.61
N ILE A 39 -29.51 10.27 26.10
CA ILE A 39 -30.56 9.28 26.34
C ILE A 39 -30.58 8.20 25.27
N LEU A 40 -29.62 8.25 24.33
CA LEU A 40 -29.59 7.33 23.20
C LEU A 40 -28.99 5.98 23.57
N ARG A 41 -28.06 5.94 24.52
CA ARG A 41 -27.44 4.68 24.91
C ARG A 41 -28.47 3.67 25.39
N LYS A 42 -29.62 4.15 25.88
CA LYS A 42 -30.68 3.26 26.36
C LYS A 42 -31.14 2.28 25.30
N LEU A 43 -30.97 2.62 24.01
CA LEU A 43 -31.27 1.67 22.94
C LEU A 43 -30.25 0.53 22.91
N ALA A 44 -28.99 0.83 23.21
CA ALA A 44 -27.96 -0.20 23.21
C ALA A 44 -28.11 -1.19 24.35
N GLU A 45 -28.81 -0.82 25.42
CA GLU A 45 -29.05 -1.74 26.52
C GLU A 45 -30.17 -2.75 26.24
N GLN A 46 -31.04 -2.46 25.27
CA GLN A 46 -32.13 -3.36 24.93
C GLN A 46 -31.66 -4.56 24.11
N VAL A 47 -30.51 -4.45 23.44
CA VAL A 47 -29.96 -5.54 22.63
C VAL A 47 -28.93 -6.29 23.47
N ASP A 48 -29.00 -7.62 23.43
CA ASP A 48 -28.18 -8.44 24.31
C ASP A 48 -26.75 -8.58 23.80
N ASP A 49 -26.57 -8.70 22.48
CA ASP A 49 -25.26 -8.90 21.88
C ASP A 49 -25.02 -7.83 20.83
N ILE A 50 -23.91 -7.10 20.97
CA ILE A 50 -23.49 -6.07 20.02
C ILE A 50 -22.11 -6.45 19.50
N VAL A 51 -21.96 -6.48 18.18
CA VAL A 51 -20.71 -6.88 17.54
C VAL A 51 -20.15 -5.69 16.77
N PHE A 52 -18.92 -5.31 17.08
CA PHE A 52 -18.21 -4.27 16.37
C PHE A 52 -17.22 -4.90 15.40
N ILE A 53 -17.20 -4.42 14.16
CA ILE A 53 -16.25 -4.85 13.15
C ILE A 53 -15.36 -3.65 12.82
N SER A 54 -14.05 -3.83 12.98
CA SER A 54 -13.10 -2.75 12.76
C SER A 54 -11.88 -3.30 12.03
N GLY A 55 -10.97 -2.40 11.68
CA GLY A 55 -9.81 -2.72 10.86
C GLY A 55 -9.68 -1.78 9.69
N THR A 56 -8.55 -1.92 9.00
CA THR A 56 -8.27 -1.06 7.85
C THR A 56 -8.91 -1.58 6.56
N ASN A 57 -8.89 -2.89 6.33
CA ASN A 57 -9.46 -3.49 5.14
C ASN A 57 -10.34 -4.67 5.52
N GLY A 58 -11.44 -4.84 4.78
CA GLY A 58 -12.31 -5.97 4.98
C GLY A 58 -13.46 -5.77 5.94
N LYS A 59 -13.72 -4.53 6.36
CA LYS A 59 -14.80 -4.28 7.30
C LYS A 59 -16.15 -4.60 6.67
N THR A 60 -16.38 -4.13 5.44
CA THR A 60 -17.69 -4.26 4.81
C THR A 60 -18.01 -5.72 4.48
N THR A 61 -17.05 -6.44 3.92
CA THR A 61 -17.30 -7.84 3.56
C THR A 61 -17.59 -8.68 4.79
N THR A 62 -16.82 -8.49 5.87
CA THR A 62 -17.07 -9.25 7.09
C THR A 62 -18.41 -8.87 7.70
N SER A 63 -18.71 -7.57 7.78
CA SER A 63 -19.97 -7.13 8.36
C SER A 63 -21.16 -7.64 7.56
N ASN A 64 -21.06 -7.66 6.24
CA ASN A 64 -22.15 -8.16 5.42
C ASN A 64 -22.31 -9.66 5.58
N LEU A 65 -21.20 -10.40 5.69
CA LEU A 65 -21.29 -11.84 5.88
C LEU A 65 -21.96 -12.20 7.20
N ILE A 66 -21.64 -11.47 8.26
CA ILE A 66 -22.26 -11.72 9.55
C ILE A 66 -23.75 -11.38 9.49
N GLY A 67 -24.09 -10.22 8.93
CA GLY A 67 -25.47 -9.80 8.89
C GLY A 67 -26.32 -10.65 7.97
N HIS A 68 -25.75 -11.08 6.84
CA HIS A 68 -26.51 -11.88 5.89
C HIS A 68 -26.81 -13.26 6.44
N THR A 69 -25.87 -13.85 7.18
CA THR A 69 -26.09 -15.17 7.76
C THR A 69 -27.14 -15.12 8.88
N LEU A 70 -27.14 -14.02 9.65
CA LEU A 70 -28.14 -13.89 10.71
C LEU A 70 -29.52 -13.62 10.13
N LYS A 71 -29.60 -12.77 9.09
CA LYS A 71 -30.89 -12.52 8.46
C LYS A 71 -31.41 -13.77 7.76
N ALA A 72 -30.52 -14.58 7.20
CA ALA A 72 -30.93 -15.83 6.57
C ALA A 72 -31.48 -16.83 7.58
N ASN A 73 -31.11 -16.70 8.85
CA ASN A 73 -31.62 -17.54 9.92
C ASN A 73 -32.86 -16.94 10.58
N ASN A 74 -33.51 -15.99 9.92
CA ASN A 74 -34.72 -15.32 10.43
C ASN A 74 -34.47 -14.64 11.77
N ILE A 75 -33.24 -14.21 12.01
CA ILE A 75 -32.87 -13.49 13.23
C ILE A 75 -32.95 -11.99 12.93
N GLN A 76 -33.76 -11.28 13.72
CA GLN A 76 -33.91 -9.84 13.55
C GLN A 76 -32.70 -9.13 14.16
N ILE A 77 -31.98 -8.38 13.33
CA ILE A 77 -30.73 -7.74 13.74
C ILE A 77 -30.77 -6.27 13.33
N ILE A 78 -29.82 -5.51 13.89
CA ILE A 78 -29.57 -4.12 13.50
C ILE A 78 -28.24 -4.08 12.75
N HIS A 79 -28.25 -3.51 11.56
CA HIS A 79 -27.09 -3.55 10.67
C HIS A 79 -26.94 -2.22 9.96
N ASN A 80 -25.71 -1.74 9.88
CA ASN A 80 -25.38 -0.49 9.20
C ASN A 80 -24.76 -0.81 7.84
N ASN A 81 -24.28 0.23 7.15
CA ASN A 81 -23.69 0.08 5.83
C ASN A 81 -22.29 0.70 5.82
N GLU A 82 -21.64 0.63 4.65
CA GLU A 82 -20.29 1.14 4.51
C GLU A 82 -20.25 2.66 4.61
N GLY A 83 -21.30 3.34 4.17
CA GLY A 83 -21.36 4.78 4.22
C GLY A 83 -21.80 5.37 5.54
N ALA A 84 -21.82 4.58 6.61
CA ALA A 84 -22.25 5.05 7.92
C ALA A 84 -21.60 4.20 9.00
N ASN A 85 -20.27 4.24 9.09
CA ASN A 85 -19.53 3.49 10.09
C ASN A 85 -18.79 4.40 11.07
N MET A 86 -19.24 5.63 11.22
CA MET A 86 -18.63 6.57 12.16
C MET A 86 -19.64 6.94 13.25
N ALA A 87 -19.32 8.00 13.99
CA ALA A 87 -20.13 8.37 15.15
C ALA A 87 -21.57 8.70 14.74
N ALA A 88 -21.74 9.63 13.81
CA ALA A 88 -23.08 10.04 13.42
C ALA A 88 -23.81 8.97 12.62
N GLY A 89 -23.08 8.16 11.85
CA GLY A 89 -23.72 7.12 11.07
C GLY A 89 -24.24 5.97 11.92
N ILE A 90 -23.44 5.55 12.91
CA ILE A 90 -23.86 4.46 13.78
C ILE A 90 -25.00 4.90 14.69
N THR A 91 -24.97 6.16 15.15
CA THR A 91 -26.05 6.67 15.99
C THR A 91 -27.38 6.63 15.26
N SER A 92 -27.39 7.04 13.99
CA SER A 92 -28.63 7.01 13.21
C SER A 92 -29.08 5.58 12.94
N ALA A 93 -28.14 4.63 12.88
CA ALA A 93 -28.50 3.24 12.57
C ALA A 93 -29.36 2.62 13.68
N PHE A 94 -29.02 2.89 14.94
CA PHE A 94 -29.78 2.31 16.03
C PHE A 94 -31.20 2.87 16.12
N ILE A 95 -31.38 4.15 15.80
CA ILE A 95 -32.70 4.75 15.91
C ILE A 95 -33.66 4.18 14.88
N MET A 96 -33.22 4.12 13.62
CA MET A 96 -34.10 3.71 12.54
C MET A 96 -34.46 2.23 12.58
N GLN A 97 -33.65 1.40 13.23
CA GLN A 97 -33.80 -0.05 13.14
C GLN A 97 -34.12 -0.72 14.48
N SER A 98 -34.25 0.02 15.56
CA SER A 98 -34.50 -0.58 16.87
C SER A 98 -35.94 -1.06 16.96
N THR A 99 -36.12 -2.36 17.18
CA THR A 99 -37.40 -2.98 17.43
C THR A 99 -37.27 -3.89 18.64
N PRO A 100 -38.40 -4.23 19.29
CA PRO A 100 -38.33 -5.16 20.42
C PRO A 100 -37.84 -6.56 20.05
N LYS A 101 -37.69 -6.86 18.76
CA LYS A 101 -37.26 -8.19 18.33
C LYS A 101 -35.76 -8.28 18.10
N THR A 102 -35.09 -7.16 17.80
CA THR A 102 -33.66 -7.19 17.50
C THR A 102 -32.88 -7.61 18.74
N LYS A 103 -32.17 -8.73 18.63
CA LYS A 103 -31.37 -9.26 19.73
C LYS A 103 -29.88 -9.16 19.49
N ILE A 104 -29.44 -9.05 18.23
CA ILE A 104 -28.03 -8.96 17.89
C ILE A 104 -27.81 -7.70 17.07
N ALA A 105 -26.75 -6.96 17.39
CA ALA A 105 -26.37 -5.75 16.68
C ALA A 105 -25.03 -5.98 16.01
N VAL A 106 -25.01 -5.91 14.68
CA VAL A 106 -23.81 -6.12 13.88
C VAL A 106 -23.54 -4.83 13.13
N ILE A 107 -22.53 -4.08 13.57
CA ILE A 107 -22.19 -2.80 12.98
C ILE A 107 -20.68 -2.71 12.79
N GLU A 108 -20.27 -2.21 11.63
CA GLU A 108 -18.87 -1.89 11.37
C GLU A 108 -18.58 -0.46 11.80
N ILE A 109 -17.34 -0.22 12.19
CA ILE A 109 -16.94 1.07 12.75
C ILE A 109 -15.53 1.41 12.28
N ASP A 110 -15.33 2.67 11.90
CA ASP A 110 -14.01 3.15 11.56
C ASP A 110 -13.14 3.17 12.81
N GLU A 111 -11.91 2.65 12.69
CA GLU A 111 -11.03 2.55 13.85
C GLU A 111 -10.68 3.90 14.45
N GLY A 112 -10.75 4.97 13.66
CA GLY A 112 -10.53 6.31 14.20
C GLY A 112 -11.67 6.81 15.06
N SER A 113 -12.85 6.20 14.94
CA SER A 113 -14.02 6.62 15.71
C SER A 113 -14.25 5.76 16.95
N ILE A 114 -13.36 4.81 17.24
CA ILE A 114 -13.56 3.94 18.39
C ILE A 114 -13.59 4.70 19.71
N PRO A 115 -12.64 5.60 20.01
CA PRO A 115 -12.73 6.30 21.31
C PRO A 115 -13.99 7.12 21.48
N ARG A 116 -14.46 7.79 20.43
CA ARG A 116 -15.67 8.60 20.54
C ARG A 116 -16.91 7.74 20.72
N VAL A 117 -16.99 6.63 19.99
CA VAL A 117 -18.18 5.78 20.06
C VAL A 117 -18.26 5.05 21.40
N LEU A 118 -17.13 4.52 21.87
CA LEU A 118 -17.14 3.75 23.12
C LEU A 118 -17.44 4.60 24.34
N LYS A 119 -17.42 5.93 24.22
CA LYS A 119 -17.89 6.79 25.31
C LYS A 119 -19.40 6.70 25.50
N GLU A 120 -20.12 6.09 24.55
CA GLU A 120 -21.56 5.95 24.65
C GLU A 120 -22.08 4.55 24.35
N VAL A 121 -21.26 3.65 23.81
CA VAL A 121 -21.68 2.30 23.47
C VAL A 121 -20.63 1.32 23.97
N THR A 122 -21.07 0.20 24.51
CA THR A 122 -20.18 -0.88 24.94
C THR A 122 -20.66 -2.18 24.31
N PRO A 123 -19.88 -2.80 23.45
CA PRO A 123 -20.32 -4.02 22.77
C PRO A 123 -19.88 -5.29 23.50
N SER A 124 -20.60 -6.37 23.23
CA SER A 124 -20.29 -7.65 23.87
C SER A 124 -19.00 -8.23 23.31
N MET A 125 -18.84 -8.23 21.99
CA MET A 125 -17.63 -8.74 21.36
C MET A 125 -17.20 -7.78 20.25
N MET A 126 -15.91 -7.84 19.92
CA MET A 126 -15.32 -6.95 18.94
C MET A 126 -14.28 -7.71 18.14
N VAL A 127 -14.38 -7.65 16.82
CA VAL A 127 -13.49 -8.37 15.91
C VAL A 127 -12.67 -7.36 15.12
N PHE A 128 -11.38 -7.63 14.98
CA PHE A 128 -10.46 -6.80 14.21
C PHE A 128 -9.89 -7.63 13.06
N THR A 129 -9.94 -7.07 11.85
CA THR A 129 -9.47 -7.80 10.68
C THR A 129 -7.96 -7.66 10.50
N ASN A 130 -7.47 -6.43 10.37
CA ASN A 130 -6.05 -6.17 10.15
C ASN A 130 -5.80 -4.68 10.29
N PHE A 131 -4.51 -4.32 10.31
CA PHE A 131 -4.07 -2.94 10.29
C PHE A 131 -2.93 -2.82 9.29
N PHE A 132 -3.07 -1.90 8.33
CA PHE A 132 -2.05 -1.71 7.31
C PHE A 132 -1.62 -0.26 7.30
N ARG A 133 -0.31 -0.04 7.27
CA ARG A 133 0.24 1.29 7.10
C ARG A 133 0.15 1.71 5.63
N ASP A 134 -0.22 2.95 5.40
CA ASP A 134 -0.22 3.45 4.04
C ASP A 134 1.23 3.62 3.58
N GLN A 135 1.46 3.45 2.29
CA GLN A 135 2.78 3.70 1.73
C GLN A 135 3.31 5.06 2.19
N MET A 136 2.43 6.05 2.23
CA MET A 136 2.74 7.39 2.71
C MET A 136 2.04 7.66 4.04
N ASP A 137 2.48 6.94 5.07
CA ASP A 137 1.92 7.08 6.41
C ASP A 137 3.05 7.40 7.38
N ARG A 138 2.84 8.44 8.20
CA ARG A 138 3.84 8.86 9.18
C ARG A 138 4.38 7.67 9.95
N PHE A 139 5.70 7.62 10.09
CA PHE A 139 6.42 6.56 10.80
C PHE A 139 5.75 6.22 12.12
N GLY A 140 5.26 4.98 12.23
CA GLY A 140 4.62 4.56 13.46
C GLY A 140 3.16 4.95 13.60
N GLU A 141 2.50 5.33 12.50
CA GLU A 141 1.09 5.70 12.59
C GLU A 141 0.22 4.54 13.05
N ILE A 142 0.57 3.31 12.66
CA ILE A 142 -0.22 2.15 13.09
C ILE A 142 -0.02 1.89 14.57
N ASP A 143 1.22 1.98 15.05
CA ASP A 143 1.53 1.68 16.44
C ASP A 143 0.79 2.61 17.39
N ILE A 144 0.74 3.90 17.07
CA ILE A 144 0.03 4.86 17.92
C ILE A 144 -1.47 4.58 17.91
N MET A 145 -2.01 4.22 16.74
CA MET A 145 -3.43 3.96 16.62
C MET A 145 -3.84 2.71 17.40
N VAL A 146 -3.04 1.65 17.32
CA VAL A 146 -3.35 0.42 18.06
C VAL A 146 -3.33 0.69 19.56
N ASN A 147 -2.39 1.53 20.01
CA ASN A 147 -2.33 1.86 21.43
C ASN A 147 -3.52 2.73 21.86
N ASN A 148 -4.01 3.60 20.97
CA ASN A 148 -5.17 4.41 21.30
C ASN A 148 -6.42 3.56 21.42
N ILE A 149 -6.54 2.51 20.61
CA ILE A 149 -7.69 1.63 20.70
C ILE A 149 -7.62 0.76 21.95
N ALA A 150 -6.41 0.32 22.31
CA ALA A 150 -6.24 -0.58 23.44
C ALA A 150 -6.61 0.10 24.75
N GLU A 151 -6.20 1.36 24.93
CA GLU A 151 -6.52 2.07 26.17
C GLU A 151 -8.01 2.37 26.28
N THR A 152 -8.72 2.44 25.16
CA THR A 152 -10.16 2.64 25.20
C THR A 152 -10.90 1.36 25.52
N ILE A 153 -10.49 0.24 24.93
CA ILE A 153 -11.16 -1.04 25.11
C ILE A 153 -10.57 -1.81 26.29
N SER A 154 -9.66 -1.18 27.02
CA SER A 154 -9.07 -1.84 28.19
C SER A 154 -10.13 -2.18 29.22
N ASN A 155 -10.01 -3.36 29.81
CA ASN A 155 -11.01 -3.91 30.74
C ASN A 155 -12.35 -3.97 29.99
N LYS A 156 -13.44 -3.48 30.58
CA LYS A 156 -14.75 -3.42 29.93
C LYS A 156 -15.29 -4.80 29.57
N GLY A 157 -14.53 -5.85 29.87
CA GLY A 157 -14.98 -7.21 29.66
C GLY A 157 -15.50 -7.50 28.26
N ILE A 158 -14.79 -7.03 27.25
CA ILE A 158 -15.20 -7.19 25.86
C ILE A 158 -14.50 -8.42 25.29
N LYS A 159 -15.27 -9.29 24.64
CA LYS A 159 -14.71 -10.47 23.97
C LYS A 159 -14.01 -10.03 22.70
N LEU A 160 -12.68 -10.12 22.68
CA LEU A 160 -11.90 -9.66 21.53
C LEU A 160 -11.61 -10.84 20.61
N LEU A 161 -12.03 -10.72 19.36
CA LEU A 161 -11.77 -11.72 18.33
C LEU A 161 -10.66 -11.16 17.44
N LEU A 162 -9.43 -11.59 17.69
CA LEU A 162 -8.25 -11.00 17.08
C LEU A 162 -7.68 -11.92 16.00
N ASN A 163 -7.13 -11.32 14.96
CA ASN A 163 -6.43 -12.04 13.90
C ASN A 163 -5.05 -12.41 14.41
N ALA A 164 -4.81 -13.71 14.61
CA ALA A 164 -3.54 -14.17 15.13
C ALA A 164 -2.38 -13.92 14.18
N ASP A 165 -2.65 -13.79 12.88
CA ASP A 165 -1.58 -13.60 11.91
C ASP A 165 -1.12 -12.15 11.80
N ASP A 166 -1.87 -11.20 12.35
CA ASP A 166 -1.47 -9.80 12.32
C ASP A 166 -0.85 -9.44 13.65
N PRO A 167 0.44 -9.06 13.70
CA PRO A 167 1.05 -8.76 15.00
C PRO A 167 0.48 -7.52 15.66
N PHE A 168 0.11 -6.50 14.87
CA PHE A 168 -0.47 -5.30 15.46
C PHE A 168 -1.91 -5.52 15.92
N VAL A 169 -2.57 -6.58 15.45
CA VAL A 169 -3.88 -6.92 15.97
C VAL A 169 -3.77 -7.73 17.24
N SER A 170 -2.83 -8.68 17.30
CA SER A 170 -2.61 -9.46 18.50
C SER A 170 -2.05 -8.61 19.64
N ARG A 171 -1.53 -7.42 19.34
CA ARG A 171 -1.09 -6.51 20.39
C ARG A 171 -2.24 -6.15 21.33
N LEU A 172 -3.48 -6.19 20.82
CA LEU A 172 -4.67 -5.88 21.61
C LEU A 172 -5.00 -6.95 22.65
N LYS A 173 -4.21 -8.03 22.75
CA LYS A 173 -4.47 -9.04 23.77
C LYS A 173 -4.24 -8.51 25.18
N ILE A 174 -3.66 -7.32 25.33
CA ILE A 174 -3.39 -6.74 26.63
C ILE A 174 -4.57 -5.93 27.17
N ALA A 175 -5.68 -5.87 26.43
CA ALA A 175 -6.81 -5.04 26.80
C ALA A 175 -8.04 -5.84 27.20
N SER A 176 -7.91 -7.16 27.37
CA SER A 176 -9.04 -7.99 27.77
C SER A 176 -8.51 -9.30 28.34
N ASP A 177 -9.42 -10.07 28.93
CA ASP A 177 -9.10 -11.38 29.48
C ASP A 177 -9.65 -12.53 28.66
N THR A 178 -10.70 -12.31 27.88
CA THR A 178 -11.30 -13.33 27.03
C THR A 178 -10.89 -13.01 25.59
N ILE A 179 -9.86 -13.70 25.11
CA ILE A 179 -9.31 -13.47 23.77
C ILE A 179 -9.56 -14.71 22.93
N VAL A 180 -10.09 -14.51 21.72
CA VAL A 180 -10.32 -15.57 20.76
C VAL A 180 -9.47 -15.28 19.53
N TYR A 181 -8.60 -16.23 19.17
CA TYR A 181 -7.68 -16.07 18.06
C TYR A 181 -8.19 -16.83 16.84
N TYR A 182 -8.16 -16.18 15.68
CA TYR A 182 -8.41 -16.84 14.42
C TYR A 182 -7.25 -16.55 13.48
N GLY A 183 -6.92 -17.52 12.64
CA GLY A 183 -5.78 -17.38 11.76
C GLY A 183 -5.80 -18.41 10.65
N MET A 184 -4.67 -18.51 9.96
CA MET A 184 -4.54 -19.37 8.79
C MET A 184 -3.27 -20.19 8.91
N LYS A 185 -3.39 -21.50 8.70
CA LYS A 185 -2.23 -22.39 8.77
C LYS A 185 -1.20 -22.02 7.72
N ALA A 186 0.05 -22.43 7.98
CA ALA A 186 1.13 -22.16 7.05
C ALA A 186 0.92 -22.93 5.75
N HIS A 187 1.29 -22.30 4.64
CA HIS A 187 1.19 -22.88 3.30
C HIS A 187 -0.24 -23.23 2.93
N ALA A 188 -1.23 -22.60 3.58
CA ALA A 188 -2.62 -22.82 3.21
C ALA A 188 -2.92 -22.25 1.82
N HIS A 189 -2.19 -21.24 1.40
CA HIS A 189 -2.40 -20.60 0.11
C HIS A 189 -1.23 -19.68 -0.19
N GLU A 190 -0.92 -19.53 -1.47
CA GLU A 190 0.16 -18.66 -1.93
C GLU A 190 -0.46 -17.36 -2.46
N PHE A 191 -0.30 -16.28 -1.71
CA PHE A 191 -0.84 -15.00 -2.11
C PHE A 191 0.11 -14.28 -3.07
N GLU A 192 -0.46 -13.37 -3.86
CA GLU A 192 0.37 -12.41 -4.58
C GLU A 192 0.94 -11.45 -3.55
N GLN A 193 2.25 -11.53 -3.33
CA GLN A 193 2.86 -10.89 -2.18
C GLN A 193 4.02 -10.00 -2.64
N SER A 194 4.87 -9.61 -1.69
CA SER A 194 6.01 -8.71 -1.90
C SER A 194 5.56 -7.32 -2.35
N THR A 195 4.29 -6.99 -2.14
CA THR A 195 3.83 -5.63 -2.40
C THR A 195 4.52 -4.65 -1.47
N MET A 196 4.72 -5.04 -0.22
CA MET A 196 5.58 -4.31 0.71
C MET A 196 6.41 -5.34 1.46
N ASN A 197 7.73 -5.25 1.32
CA ASN A 197 8.65 -6.20 1.94
C ASN A 197 9.43 -5.56 3.09
N GLU A 198 8.84 -4.54 3.71
CA GLU A 198 9.48 -3.81 4.78
C GLU A 198 9.57 -4.66 6.06
N SER A 199 10.38 -4.18 6.99
CA SER A 199 10.60 -4.84 8.27
C SER A 199 9.71 -4.22 9.34
N ARG A 200 8.96 -5.06 10.04
CA ARG A 200 8.07 -4.62 11.10
C ARG A 200 8.68 -4.91 12.47
N TYR A 201 8.39 -4.03 13.42
CA TYR A 201 8.88 -4.15 14.79
C TYR A 201 7.84 -4.80 15.70
N CYS A 202 8.32 -5.38 16.79
CA CYS A 202 7.45 -5.99 17.78
C CYS A 202 6.65 -4.92 18.51
N PRO A 203 5.32 -5.00 18.53
CA PRO A 203 4.53 -3.99 19.26
C PRO A 203 4.66 -4.06 20.77
N ASN A 204 5.44 -5.00 21.31
CA ASN A 204 5.60 -5.15 22.75
C ASN A 204 6.94 -4.67 23.28
N CYS A 205 8.02 -4.82 22.51
CA CYS A 205 9.35 -4.41 22.95
C CYS A 205 10.10 -3.55 21.95
N GLY A 206 9.68 -3.50 20.68
CA GLY A 206 10.34 -2.69 19.69
C GLY A 206 11.42 -3.39 18.89
N ARG A 207 11.64 -4.67 19.11
CA ARG A 207 12.64 -5.42 18.38
C ARG A 207 12.08 -5.91 17.04
N LEU A 208 12.98 -6.29 16.15
CA LEU A 208 12.59 -6.83 14.85
C LEU A 208 11.88 -8.16 15.03
N LEU A 209 10.69 -8.28 14.43
CA LEU A 209 9.88 -9.49 14.55
C LEU A 209 10.45 -10.60 13.68
N GLN A 210 10.70 -11.75 14.29
CA GLN A 210 11.09 -12.93 13.54
C GLN A 210 9.84 -13.62 12.99
N TYR A 211 9.87 -13.96 11.71
CA TYR A 211 8.74 -14.60 11.05
C TYR A 211 9.12 -16.01 10.65
N ASP A 212 8.31 -16.99 11.08
CA ASP A 212 8.51 -18.37 10.68
C ASP A 212 7.93 -18.64 9.30
N TYR A 213 6.82 -17.97 8.96
CA TYR A 213 6.20 -18.08 7.66
C TYR A 213 5.41 -16.80 7.41
N ILE A 214 5.47 -16.31 6.17
CA ILE A 214 4.85 -15.04 5.80
C ILE A 214 3.83 -15.30 4.71
N HIS A 215 2.57 -14.94 4.99
CA HIS A 215 1.55 -14.96 3.94
C HIS A 215 1.77 -13.83 2.95
N TYR A 216 1.77 -12.59 3.45
CA TYR A 216 1.99 -11.40 2.64
C TYR A 216 2.15 -10.21 3.57
N ASN A 217 3.14 -9.36 3.27
CA ASN A 217 3.44 -8.15 4.03
C ASN A 217 3.74 -8.56 5.48
N GLN A 218 3.08 -7.98 6.48
CA GLN A 218 3.31 -8.33 7.88
C GLN A 218 2.45 -9.50 8.35
N ILE A 219 1.50 -9.95 7.54
CA ILE A 219 0.63 -11.06 7.92
C ILE A 219 1.41 -12.36 7.81
N GLY A 220 1.55 -13.06 8.93
CA GLY A 220 2.28 -14.32 8.91
C GLY A 220 2.41 -14.90 10.30
N HIS A 221 3.33 -15.86 10.43
CA HIS A 221 3.59 -16.56 11.69
C HIS A 221 4.86 -15.99 12.30
N TYR A 222 4.70 -15.16 13.32
CA TYR A 222 5.80 -14.47 13.98
C TYR A 222 6.05 -15.06 15.36
N HIS A 223 7.28 -14.94 15.84
CA HIS A 223 7.66 -15.42 17.16
C HIS A 223 8.82 -14.58 17.68
N CYS A 224 8.56 -13.78 18.70
CA CYS A 224 9.58 -13.00 19.38
C CYS A 224 9.87 -13.61 20.75
N GLN A 225 11.15 -13.62 21.13
CA GLN A 225 11.55 -14.24 22.38
C GLN A 225 11.17 -13.41 23.61
N CYS A 226 10.51 -12.27 23.44
CA CYS A 226 9.94 -11.54 24.57
C CYS A 226 8.65 -12.15 25.08
N GLY A 227 8.12 -13.17 24.40
CA GLY A 227 6.85 -13.77 24.72
C GLY A 227 5.77 -13.51 23.67
N PHE A 228 5.84 -12.36 23.01
CA PHE A 228 4.87 -12.02 21.97
C PHE A 228 5.12 -12.90 20.74
N LYS A 229 4.10 -13.64 20.33
CA LYS A 229 4.24 -14.61 19.26
C LYS A 229 2.91 -14.76 18.54
N ARG A 230 2.93 -15.49 17.43
CA ARG A 230 1.71 -15.88 16.74
C ARG A 230 1.00 -16.93 17.60
N GLU A 231 -0.03 -16.50 18.32
CA GLU A 231 -0.69 -17.38 19.27
C GLU A 231 -1.47 -18.48 18.55
N GLN A 232 -1.81 -19.52 19.30
CA GLN A 232 -2.56 -20.64 18.74
C GLN A 232 -3.97 -20.19 18.36
N ALA A 233 -4.40 -20.56 17.16
CA ALA A 233 -5.67 -20.11 16.62
C ALA A 233 -6.79 -21.06 17.03
N LYS A 234 -7.91 -20.49 17.48
CA LYS A 234 -9.09 -21.28 17.82
C LYS A 234 -9.82 -21.75 16.57
N TYR A 235 -10.02 -20.86 15.61
CA TYR A 235 -10.61 -21.19 14.31
C TYR A 235 -9.58 -20.89 13.23
N GLU A 236 -9.17 -21.93 12.52
CA GLU A 236 -8.06 -21.83 11.58
C GLU A 236 -8.47 -22.37 10.22
N ILE A 237 -8.08 -21.65 9.17
CA ILE A 237 -8.30 -22.09 7.79
C ILE A 237 -7.11 -22.96 7.39
N SER A 238 -7.39 -24.22 7.05
CA SER A 238 -6.32 -25.14 6.70
C SER A 238 -5.89 -24.98 5.24
N SER A 239 -6.83 -24.71 4.35
CA SER A 239 -6.53 -24.56 2.93
C SER A 239 -7.75 -23.95 2.24
N PHE A 240 -7.48 -23.23 1.14
CA PHE A 240 -8.57 -22.69 0.33
C PHE A 240 -8.03 -22.40 -1.07
N ASP A 241 -8.97 -22.13 -1.98
CA ASP A 241 -8.63 -21.79 -3.35
C ASP A 241 -9.74 -20.92 -3.92
N VAL A 242 -9.42 -20.22 -5.01
CA VAL A 242 -10.36 -19.35 -5.72
C VAL A 242 -10.44 -19.87 -7.15
N ALA A 243 -11.43 -20.71 -7.43
CA ALA A 243 -11.57 -21.29 -8.76
C ALA A 243 -13.02 -21.70 -9.04
N PRO A 244 -13.89 -20.75 -9.44
CA PRO A 244 -13.58 -19.33 -9.54
C PRO A 244 -13.97 -18.55 -8.29
N PHE A 245 -14.65 -19.23 -7.36
CA PHE A 245 -15.09 -18.63 -6.10
C PHE A 245 -14.28 -19.19 -4.94
N LEU A 246 -14.51 -18.62 -3.76
CA LEU A 246 -13.83 -19.07 -2.56
C LEU A 246 -14.34 -20.45 -2.13
N TYR A 247 -13.41 -21.35 -1.86
CA TYR A 247 -13.71 -22.67 -1.32
C TYR A 247 -12.84 -22.85 -0.08
N LEU A 248 -13.44 -22.69 1.10
CA LEU A 248 -12.69 -22.62 2.34
C LEU A 248 -12.75 -23.96 3.08
N ASN A 249 -11.67 -24.24 3.81
CA ASN A 249 -11.59 -25.38 4.72
C ASN A 249 -11.33 -24.84 6.11
N ILE A 250 -12.39 -24.65 6.89
CA ILE A 250 -12.32 -24.05 8.21
C ILE A 250 -12.62 -25.13 9.24
N ASN A 251 -11.59 -25.56 9.97
CA ASN A 251 -11.71 -26.59 11.00
C ASN A 251 -12.34 -27.86 10.44
N ASP A 252 -11.73 -28.38 9.37
CA ASP A 252 -12.12 -29.65 8.76
C ASP A 252 -13.54 -29.62 8.21
N GLU A 253 -13.97 -28.47 7.71
CA GLU A 253 -15.28 -28.31 7.10
C GLU A 253 -15.14 -27.53 5.80
N LYS A 254 -15.84 -27.97 4.77
CA LYS A 254 -15.77 -27.34 3.45
C LYS A 254 -16.86 -26.29 3.31
N TYR A 255 -16.51 -25.17 2.69
CA TYR A 255 -17.44 -24.06 2.48
C TYR A 255 -17.31 -23.56 1.04
N ASP A 256 -18.33 -23.83 0.23
CA ASP A 256 -18.36 -23.44 -1.18
C ASP A 256 -19.12 -22.11 -1.27
N MET A 257 -18.36 -21.02 -1.23
CA MET A 257 -18.95 -19.68 -1.21
C MET A 257 -19.13 -19.13 -2.63
N LYS A 258 -19.76 -17.96 -2.72
CA LYS A 258 -20.05 -17.32 -3.98
C LYS A 258 -19.42 -15.93 -4.07
N ILE A 259 -18.27 -15.74 -3.42
CA ILE A 259 -17.47 -14.53 -3.54
C ILE A 259 -16.05 -14.93 -3.89
N ALA A 260 -15.33 -13.99 -4.50
CA ALA A 260 -13.97 -14.24 -4.98
C ALA A 260 -12.98 -13.36 -4.23
N GLY A 261 -11.71 -13.48 -4.61
CA GLY A 261 -10.65 -12.72 -4.00
C GLY A 261 -9.87 -13.49 -2.95
N ASP A 262 -8.55 -13.56 -3.11
CA ASP A 262 -7.72 -14.24 -2.12
C ASP A 262 -7.83 -13.60 -0.75
N PHE A 263 -7.91 -12.26 -0.71
CA PHE A 263 -7.89 -11.54 0.55
C PHE A 263 -9.23 -11.58 1.27
N ASN A 264 -10.30 -12.01 0.60
CA ASN A 264 -11.59 -12.20 1.26
C ASN A 264 -11.64 -13.46 2.11
N ALA A 265 -10.63 -14.32 2.02
CA ALA A 265 -10.60 -15.51 2.87
C ALA A 265 -10.48 -15.14 4.34
N TYR A 266 -9.65 -14.13 4.65
CA TYR A 266 -9.54 -13.67 6.02
C TYR A 266 -10.82 -12.98 6.49
N ASN A 267 -11.46 -12.23 5.59
CA ASN A 267 -12.70 -11.55 5.94
C ASN A 267 -13.82 -12.55 6.21
N ALA A 268 -13.85 -13.67 5.49
CA ALA A 268 -14.87 -14.68 5.73
C ALA A 268 -14.60 -15.42 7.04
N LEU A 269 -13.33 -15.68 7.35
CA LEU A 269 -13.00 -16.35 8.60
C LEU A 269 -13.33 -15.48 9.81
N ALA A 270 -13.09 -14.17 9.70
CA ALA A 270 -13.48 -13.26 10.77
C ALA A 270 -14.98 -13.27 10.99
N ALA A 271 -15.74 -13.41 9.91
CA ALA A 271 -17.19 -13.57 10.05
C ALA A 271 -17.54 -14.93 10.64
N TYR A 272 -16.78 -15.97 10.27
CA TYR A 272 -17.00 -17.29 10.85
C TYR A 272 -16.75 -17.29 12.35
N THR A 273 -15.72 -16.55 12.79
CA THR A 273 -15.42 -16.49 14.22
C THR A 273 -16.55 -15.81 15.00
N VAL A 274 -17.09 -14.71 14.47
CA VAL A 274 -18.18 -14.02 15.15
C VAL A 274 -19.41 -14.92 15.25
N LEU A 275 -19.77 -15.58 14.15
CA LEU A 275 -20.98 -16.39 14.13
C LEU A 275 -20.87 -17.61 15.02
N ARG A 276 -19.67 -18.20 15.13
CA ARG A 276 -19.49 -19.33 16.03
C ARG A 276 -19.65 -18.90 17.49
N GLU A 277 -19.12 -17.72 17.83
CA GLU A 277 -19.26 -17.21 19.19
C GLU A 277 -20.67 -16.74 19.50
N LEU A 278 -21.52 -16.60 18.49
CA LEU A 278 -22.92 -16.21 18.69
C LEU A 278 -23.84 -17.41 18.91
N GLY A 279 -23.31 -18.63 18.85
CA GLY A 279 -24.10 -19.81 19.08
C GLY A 279 -24.49 -20.59 17.84
N LEU A 280 -24.19 -20.06 16.66
CA LEU A 280 -24.52 -20.76 15.42
C LEU A 280 -23.56 -21.92 15.20
N ASN A 281 -24.12 -23.11 14.95
CA ASN A 281 -23.29 -24.29 14.72
C ASN A 281 -22.66 -24.21 13.32
N GLU A 282 -21.88 -25.24 12.99
CA GLU A 282 -21.13 -25.21 11.74
C GLU A 282 -22.04 -25.33 10.53
N GLN A 283 -23.22 -25.95 10.69
CA GLN A 283 -24.11 -26.12 9.56
C GLN A 283 -24.90 -24.86 9.25
N THR A 284 -25.29 -24.10 10.28
CA THR A 284 -26.04 -22.87 10.05
C THR A 284 -25.19 -21.83 9.33
N ILE A 285 -23.91 -21.72 9.72
CA ILE A 285 -23.01 -20.81 9.02
C ILE A 285 -22.78 -21.28 7.59
N LYS A 286 -22.75 -22.59 7.37
CA LYS A 286 -22.53 -23.12 6.03
C LYS A 286 -23.67 -22.77 5.08
N ASN A 287 -24.89 -22.64 5.60
CA ASN A 287 -26.02 -22.29 4.75
C ASN A 287 -25.95 -20.84 4.30
N GLY A 288 -25.67 -19.93 5.24
CA GLY A 288 -25.61 -18.52 4.89
C GLY A 288 -24.40 -18.14 4.06
N PHE A 289 -23.27 -18.83 4.26
CA PHE A 289 -22.06 -18.50 3.52
C PHE A 289 -22.16 -18.92 2.06
N GLU A 290 -22.88 -20.01 1.78
CA GLU A 290 -22.98 -20.52 0.41
C GLU A 290 -24.00 -19.79 -0.44
N THR A 291 -24.67 -18.77 0.10
CA THR A 291 -25.64 -18.00 -0.66
C THR A 291 -25.33 -16.51 -0.74
N TYR A 292 -24.41 -16.00 0.08
CA TYR A 292 -24.07 -14.60 0.03
C TYR A 292 -23.19 -14.28 -1.18
N THR A 293 -23.38 -13.08 -1.72
CA THR A 293 -22.58 -12.59 -2.83
C THR A 293 -22.56 -11.07 -2.78
N SER A 294 -21.66 -10.49 -3.58
CA SER A 294 -21.55 -9.04 -3.65
C SER A 294 -22.74 -8.45 -4.41
N ASP A 295 -22.79 -7.11 -4.44
CA ASP A 295 -23.89 -6.41 -5.10
C ASP A 295 -23.39 -5.22 -5.92
N ASN A 296 -22.14 -5.30 -6.40
CA ASN A 296 -21.56 -4.22 -7.21
C ASN A 296 -21.13 -4.70 -8.59
N GLY A 297 -21.53 -5.90 -9.00
CA GLY A 297 -21.17 -6.41 -10.31
C GLY A 297 -19.79 -6.99 -10.42
N ARG A 298 -19.09 -7.21 -9.30
CA ARG A 298 -17.75 -7.79 -9.30
C ARG A 298 -17.88 -9.22 -8.79
N MET A 299 -17.86 -10.18 -9.72
CA MET A 299 -18.04 -11.60 -9.41
C MET A 299 -19.37 -11.84 -8.70
N GLN A 300 -20.38 -11.07 -9.04
CA GLN A 300 -21.69 -11.20 -8.41
C GLN A 300 -22.43 -12.40 -8.98
N TYR A 301 -23.07 -13.17 -8.10
CA TYR A 301 -23.70 -14.44 -8.45
C TYR A 301 -25.22 -14.31 -8.39
N PHE A 302 -25.88 -15.07 -9.26
CA PHE A 302 -27.34 -15.12 -9.32
C PHE A 302 -27.78 -16.57 -9.44
N LYS A 303 -28.99 -16.85 -8.94
CA LYS A 303 -29.54 -18.20 -9.05
C LYS A 303 -31.05 -18.13 -8.89
N LYS A 304 -31.78 -18.75 -9.83
CA LYS A 304 -33.22 -18.91 -9.75
C LYS A 304 -33.55 -20.31 -10.24
N GLU A 305 -33.99 -21.17 -9.32
CA GLU A 305 -34.20 -22.59 -9.57
C GLU A 305 -32.85 -23.17 -10.00
N ARG A 306 -32.76 -23.87 -11.13
CA ARG A 306 -31.50 -24.44 -11.60
C ARG A 306 -30.75 -23.50 -12.53
N LYS A 307 -31.23 -22.29 -12.75
CA LYS A 307 -30.55 -21.32 -13.60
C LYS A 307 -29.48 -20.59 -12.80
N GLU A 308 -28.25 -20.60 -13.29
CA GLU A 308 -27.13 -19.94 -12.63
C GLU A 308 -26.55 -18.88 -13.55
N ALA A 309 -26.13 -17.76 -12.95
CA ALA A 309 -25.58 -16.65 -13.71
C ALA A 309 -24.59 -15.90 -12.84
N MET A 310 -23.71 -15.14 -13.51
CA MET A 310 -22.74 -14.31 -12.81
C MET A 310 -22.33 -13.17 -13.73
N ILE A 311 -21.95 -12.05 -13.12
CA ILE A 311 -21.56 -10.84 -13.84
C ILE A 311 -20.23 -10.35 -13.29
N ASN A 312 -19.35 -9.91 -14.20
CA ASN A 312 -18.04 -9.39 -13.80
C ASN A 312 -17.60 -8.38 -14.84
N LEU A 313 -17.29 -7.16 -14.40
CA LEU A 313 -16.95 -6.09 -15.32
C LEU A 313 -15.59 -6.31 -15.96
N ALA A 314 -15.47 -5.91 -17.23
CA ALA A 314 -14.19 -5.94 -17.94
C ALA A 314 -14.16 -4.76 -18.88
N LYS A 315 -13.15 -3.89 -18.73
CA LYS A 315 -13.02 -2.69 -19.55
C LYS A 315 -11.65 -2.56 -20.19
N ASN A 316 -10.82 -3.59 -20.15
CA ASN A 316 -9.48 -3.54 -20.71
C ASN A 316 -9.06 -4.95 -21.05
N PRO A 317 -8.00 -5.12 -21.84
CA PRO A 317 -7.56 -6.48 -22.19
C PRO A 317 -7.27 -7.36 -20.98
N ALA A 318 -6.69 -6.79 -19.91
CA ALA A 318 -6.39 -7.58 -18.73
C ALA A 318 -7.66 -8.08 -18.05
N GLY A 319 -8.63 -7.19 -17.84
CA GLY A 319 -9.88 -7.59 -17.22
C GLY A 319 -10.69 -8.55 -18.08
N MET A 320 -10.58 -8.43 -19.40
CA MET A 320 -11.30 -9.34 -20.28
C MET A 320 -10.74 -10.75 -20.19
N ASN A 321 -9.42 -10.89 -20.26
CA ASN A 321 -8.80 -12.20 -20.12
C ASN A 321 -9.14 -12.83 -18.78
N ALA A 322 -9.31 -12.01 -17.75
CA ALA A 322 -9.69 -12.54 -16.43
C ALA A 322 -11.13 -13.03 -16.43
N SER A 323 -12.04 -12.26 -17.06
CA SER A 323 -13.45 -12.66 -17.07
C SER A 323 -13.68 -13.88 -17.95
N LEU A 324 -12.94 -14.01 -19.05
CA LEU A 324 -13.06 -15.21 -19.88
C LEU A 324 -12.51 -16.43 -19.18
N SER A 325 -11.48 -16.26 -18.34
CA SER A 325 -10.92 -17.38 -17.60
C SER A 325 -11.83 -17.83 -16.47
N VAL A 326 -12.82 -17.03 -16.08
CA VAL A 326 -13.78 -17.50 -15.09
C VAL A 326 -14.69 -18.55 -15.69
N GLY A 327 -14.98 -18.45 -16.99
CA GLY A 327 -15.87 -19.40 -17.64
C GLY A 327 -15.29 -20.81 -17.71
N GLU A 328 -13.98 -20.92 -17.96
CA GLU A 328 -13.37 -22.24 -18.08
C GLU A 328 -13.40 -23.00 -16.76
N GLN A 329 -13.42 -22.28 -15.63
CA GLN A 329 -13.50 -22.91 -14.32
C GLN A 329 -14.91 -23.27 -13.90
N LEU A 330 -15.91 -22.94 -14.71
CA LEU A 330 -17.29 -23.26 -14.37
C LEU A 330 -17.70 -24.58 -15.00
N GLU A 331 -18.62 -25.28 -14.32
CA GLU A 331 -19.06 -26.60 -14.73
C GLU A 331 -20.20 -26.50 -15.74
N GLY A 332 -20.18 -27.39 -16.72
CA GLY A 332 -21.25 -27.45 -17.71
C GLY A 332 -21.12 -26.41 -18.80
N GLU A 333 -22.17 -26.30 -19.60
CA GLU A 333 -22.21 -25.35 -20.69
C GLU A 333 -22.43 -23.94 -20.16
N LYS A 334 -21.96 -22.96 -20.94
CA LYS A 334 -22.08 -21.55 -20.60
C LYS A 334 -22.76 -20.79 -21.73
N VAL A 335 -23.37 -19.66 -21.36
CA VAL A 335 -23.93 -18.72 -22.32
C VAL A 335 -23.44 -17.32 -21.94
N TYR A 336 -22.89 -16.61 -22.91
CA TYR A 336 -22.22 -15.35 -22.63
C TYR A 336 -23.06 -14.16 -23.08
N VAL A 337 -22.90 -13.05 -22.36
CA VAL A 337 -23.39 -11.75 -22.78
C VAL A 337 -22.22 -10.78 -22.62
N ILE A 338 -21.70 -10.28 -23.74
CA ILE A 338 -20.59 -9.34 -23.73
C ILE A 338 -21.09 -8.02 -24.29
N SER A 339 -20.88 -6.95 -23.53
CA SER A 339 -21.32 -5.61 -23.91
C SER A 339 -20.11 -4.73 -24.17
N LEU A 340 -20.19 -3.91 -25.23
CA LEU A 340 -19.09 -3.04 -25.63
C LEU A 340 -19.68 -1.70 -26.07
N ASN A 341 -19.75 -0.74 -25.14
CA ASN A 341 -20.12 0.62 -25.47
C ASN A 341 -18.89 1.46 -25.78
N ASP A 342 -19.11 2.55 -26.50
CA ASP A 342 -18.05 3.48 -26.86
C ASP A 342 -18.38 4.89 -26.38
N ASN A 343 -19.02 4.99 -25.22
CA ASN A 343 -19.38 6.30 -24.67
C ASN A 343 -18.13 7.00 -24.15
N ALA A 344 -18.32 8.23 -23.68
CA ALA A 344 -17.20 9.05 -23.22
C ALA A 344 -16.47 8.39 -22.05
N ALA A 345 -17.22 7.82 -21.11
CA ALA A 345 -16.61 7.15 -19.97
C ALA A 345 -15.85 5.89 -20.38
N ASP A 346 -16.21 5.27 -21.50
CA ASP A 346 -15.52 4.09 -21.99
C ASP A 346 -14.42 4.40 -22.98
N GLY A 347 -14.46 5.58 -23.61
CA GLY A 347 -13.54 5.86 -24.70
C GLY A 347 -14.09 5.40 -26.03
N ARG A 348 -13.74 6.16 -27.07
CA ARG A 348 -14.24 5.88 -28.42
C ARG A 348 -13.41 4.86 -29.18
N ASP A 349 -12.27 4.44 -28.66
CA ASP A 349 -11.38 3.51 -29.34
C ASP A 349 -11.62 2.11 -28.78
N THR A 350 -12.20 1.23 -29.59
CA THR A 350 -12.44 -0.15 -29.21
C THR A 350 -11.33 -1.10 -29.66
N SER A 351 -10.14 -0.57 -29.95
CA SER A 351 -9.06 -1.39 -30.47
C SER A 351 -8.59 -2.44 -29.46
N TRP A 352 -8.80 -2.18 -28.16
CA TRP A 352 -8.26 -3.06 -27.14
C TRP A 352 -8.91 -4.45 -27.15
N ILE A 353 -10.06 -4.61 -27.81
CA ILE A 353 -10.71 -5.92 -27.82
C ILE A 353 -9.94 -6.92 -28.65
N TYR A 354 -9.08 -6.46 -29.56
CA TYR A 354 -8.24 -7.36 -30.33
C TYR A 354 -6.95 -7.74 -29.61
N ASP A 355 -6.67 -7.12 -28.46
CA ASP A 355 -5.57 -7.54 -27.61
C ASP A 355 -5.98 -8.58 -26.59
N ALA A 356 -7.27 -8.68 -26.28
CA ALA A 356 -7.76 -9.72 -25.40
C ALA A 356 -7.72 -11.07 -26.11
N ASP A 357 -7.78 -12.14 -25.33
CA ASP A 357 -7.68 -13.50 -25.84
C ASP A 357 -9.09 -14.08 -25.97
N PHE A 358 -9.77 -13.70 -27.06
CA PHE A 358 -11.07 -14.27 -27.36
C PHE A 358 -10.96 -15.66 -27.96
N GLU A 359 -9.78 -16.03 -28.47
CA GLU A 359 -9.60 -17.35 -29.06
C GLU A 359 -9.69 -18.47 -28.04
N LYS A 360 -9.55 -18.15 -26.75
CA LYS A 360 -9.63 -19.16 -25.70
C LYS A 360 -11.05 -19.67 -25.50
N LEU A 361 -12.07 -18.98 -26.04
CA LEU A 361 -13.44 -19.42 -25.90
C LEU A 361 -13.71 -20.72 -26.65
N SER A 362 -12.83 -21.09 -27.59
CA SER A 362 -12.99 -22.36 -28.28
C SER A 362 -12.73 -23.56 -27.38
N LYS A 363 -12.08 -23.35 -26.24
CA LYS A 363 -11.80 -24.41 -25.27
C LYS A 363 -12.95 -24.65 -24.30
N GLN A 364 -14.03 -23.87 -24.40
CA GLN A 364 -15.15 -23.97 -23.48
C GLN A 364 -16.40 -24.43 -24.23
N GLN A 365 -17.27 -25.12 -23.51
CA GLN A 365 -18.56 -25.52 -24.04
C GLN A 365 -19.53 -24.36 -23.90
N ILE A 366 -19.93 -23.77 -25.03
CA ILE A 366 -20.76 -22.57 -25.05
C ILE A 366 -21.95 -22.81 -25.97
N GLU A 367 -23.16 -22.60 -25.44
CA GLU A 367 -24.36 -22.71 -26.26
C GLU A 367 -24.41 -21.60 -27.30
N ALA A 368 -24.29 -20.35 -26.85
CA ALA A 368 -24.33 -19.20 -27.73
C ALA A 368 -23.67 -18.03 -27.03
N ILE A 369 -23.26 -17.05 -27.84
CA ILE A 369 -22.64 -15.81 -27.34
C ILE A 369 -23.52 -14.65 -27.78
N ILE A 370 -24.04 -13.90 -26.81
CA ILE A 370 -24.88 -12.74 -27.08
C ILE A 370 -24.02 -11.50 -26.93
N VAL A 371 -23.85 -10.77 -28.02
CA VAL A 371 -23.10 -9.52 -28.02
C VAL A 371 -24.09 -8.36 -28.00
N THR A 372 -23.75 -7.31 -27.24
CA THR A 372 -24.65 -6.18 -27.08
C THR A 372 -23.82 -4.90 -26.94
N GLY A 373 -24.51 -3.78 -26.78
CA GLY A 373 -23.88 -2.48 -26.70
C GLY A 373 -23.93 -1.72 -28.02
N THR A 374 -23.44 -0.49 -27.98
CA THR A 374 -23.44 0.35 -29.17
C THR A 374 -22.42 -0.13 -30.19
N ARG A 375 -21.46 -0.94 -29.80
CA ARG A 375 -20.46 -1.51 -30.69
C ARG A 375 -20.54 -3.04 -30.69
N ALA A 376 -21.76 -3.57 -30.65
CA ALA A 376 -21.95 -5.01 -30.61
C ALA A 376 -21.36 -5.70 -31.84
N GLU A 377 -21.48 -5.05 -33.00
CA GLU A 377 -20.95 -5.63 -34.23
C GLU A 377 -19.43 -5.73 -34.20
N GLU A 378 -18.75 -4.90 -33.41
CA GLU A 378 -17.32 -5.05 -33.22
C GLU A 378 -16.99 -6.36 -32.51
N LEU A 379 -17.81 -6.74 -31.53
CA LEU A 379 -17.59 -8.00 -30.84
C LEU A 379 -17.83 -9.19 -31.76
N GLN A 380 -18.88 -9.12 -32.57
CA GLN A 380 -19.17 -10.20 -33.52
C GLN A 380 -18.03 -10.38 -34.51
N LEU A 381 -17.46 -9.26 -35.00
CA LEU A 381 -16.33 -9.35 -35.90
C LEU A 381 -15.09 -9.84 -35.18
N ARG A 382 -14.92 -9.46 -33.91
CA ARG A 382 -13.80 -9.95 -33.13
C ARG A 382 -13.88 -11.47 -32.93
N LEU A 383 -15.08 -11.97 -32.62
CA LEU A 383 -15.25 -13.41 -32.42
C LEU A 383 -15.10 -14.17 -33.74
N LYS A 384 -15.52 -13.57 -34.86
CA LYS A 384 -15.32 -14.19 -36.16
C LYS A 384 -13.83 -14.35 -36.46
N LEU A 385 -13.06 -13.29 -36.22
CA LEU A 385 -11.61 -13.36 -36.41
C LEU A 385 -10.94 -14.22 -35.34
N ALA A 386 -11.59 -14.41 -34.20
CA ALA A 386 -11.08 -15.31 -33.17
C ALA A 386 -11.41 -16.78 -33.44
N GLU A 387 -12.15 -17.06 -34.52
CA GLU A 387 -12.52 -18.42 -34.90
C GLU A 387 -13.29 -19.14 -33.80
N VAL A 388 -14.14 -18.39 -33.10
CA VAL A 388 -15.04 -18.96 -32.10
C VAL A 388 -16.28 -19.43 -32.85
N GLU A 389 -16.37 -20.74 -33.09
CA GLU A 389 -17.40 -21.30 -33.97
C GLU A 389 -18.63 -21.71 -33.14
N VAL A 390 -19.28 -20.69 -32.59
CA VAL A 390 -20.50 -20.90 -31.81
C VAL A 390 -21.55 -19.90 -32.30
N PRO A 391 -22.83 -20.20 -32.07
CA PRO A 391 -23.89 -19.26 -32.47
C PRO A 391 -23.71 -17.91 -31.79
N ILE A 392 -23.72 -16.85 -32.60
CA ILE A 392 -23.57 -15.48 -32.13
C ILE A 392 -24.85 -14.74 -32.43
N ILE A 393 -25.38 -14.03 -31.44
CA ILE A 393 -26.62 -13.27 -31.56
C ILE A 393 -26.32 -11.81 -31.26
N VAL A 394 -26.75 -10.93 -32.14
CA VAL A 394 -26.53 -9.49 -32.01
C VAL A 394 -27.83 -8.84 -31.55
N GLU A 395 -27.80 -8.24 -30.36
CA GLU A 395 -28.93 -7.50 -29.82
C GLU A 395 -28.35 -6.23 -29.19
N ARG A 396 -28.50 -5.11 -29.89
CA ARG A 396 -27.83 -3.88 -29.47
C ARG A 396 -28.38 -3.34 -28.14
N ASP A 397 -29.63 -3.63 -27.84
CA ASP A 397 -30.22 -3.17 -26.58
C ASP A 397 -29.67 -4.00 -25.42
N ILE A 398 -29.13 -3.32 -24.41
CA ILE A 398 -28.50 -4.03 -23.30
C ILE A 398 -29.54 -4.74 -22.45
N TYR A 399 -30.72 -4.14 -22.29
CA TYR A 399 -31.76 -4.77 -21.48
C TYR A 399 -32.30 -6.02 -22.16
N LYS A 400 -32.62 -5.93 -23.45
CA LYS A 400 -33.20 -7.07 -24.15
C LYS A 400 -32.19 -8.19 -24.34
N ALA A 401 -30.90 -7.85 -24.50
CA ALA A 401 -29.89 -8.88 -24.68
C ALA A 401 -29.58 -9.60 -23.37
N THR A 402 -29.61 -8.87 -22.25
CA THR A 402 -29.34 -9.49 -20.95
C THR A 402 -30.47 -10.44 -20.55
N ALA A 403 -31.72 -10.01 -20.74
CA ALA A 403 -32.86 -10.87 -20.45
C ALA A 403 -32.94 -12.08 -21.38
N LYS A 404 -32.20 -12.05 -22.49
CA LYS A 404 -32.27 -13.15 -23.45
C LYS A 404 -31.59 -14.42 -22.94
N THR A 405 -30.72 -14.30 -21.92
CA THR A 405 -30.03 -15.46 -21.39
C THR A 405 -30.90 -16.34 -20.51
N MET A 406 -32.00 -15.81 -19.97
CA MET A 406 -32.90 -16.64 -19.17
C MET A 406 -33.56 -17.73 -20.00
N ASP A 407 -33.52 -17.61 -21.33
CA ASP A 407 -34.07 -18.63 -22.21
C ASP A 407 -33.16 -19.85 -22.35
N TYR A 408 -31.91 -19.74 -21.93
CA TYR A 408 -30.95 -20.84 -22.02
C TYR A 408 -30.79 -21.51 -20.66
N LYS A 409 -30.41 -22.78 -20.69
CA LYS A 409 -30.25 -23.57 -19.48
C LYS A 409 -28.84 -23.55 -18.92
N GLY A 410 -27.87 -23.01 -19.67
CA GLY A 410 -26.50 -22.98 -19.23
C GLY A 410 -26.19 -21.88 -18.24
N PHE A 411 -24.94 -21.85 -17.81
CA PHE A 411 -24.46 -20.86 -16.85
C PHE A 411 -24.18 -19.56 -17.59
N THR A 412 -24.88 -18.49 -17.21
CA THR A 412 -24.74 -17.21 -17.89
C THR A 412 -23.52 -16.47 -17.35
N VAL A 413 -22.67 -16.00 -18.26
CA VAL A 413 -21.50 -15.20 -17.93
C VAL A 413 -21.68 -13.83 -18.56
N ALA A 414 -21.86 -12.81 -17.73
CA ALA A 414 -22.09 -11.44 -18.19
C ALA A 414 -20.80 -10.65 -18.06
N ILE A 415 -20.35 -10.07 -19.18
CA ILE A 415 -19.10 -9.32 -19.22
C ILE A 415 -19.36 -7.95 -19.85
N PRO A 416 -19.70 -6.93 -19.07
CA PRO A 416 -19.88 -5.58 -19.64
C PRO A 416 -18.68 -4.68 -19.40
N ASN A 417 -18.58 -3.61 -20.18
CA ASN A 417 -17.66 -2.52 -19.84
C ASN A 417 -18.37 -1.60 -18.86
N TYR A 418 -17.80 -0.42 -18.60
CA TYR A 418 -18.29 0.39 -17.48
C TYR A 418 -19.73 0.86 -17.71
N THR A 419 -19.95 1.68 -18.74
CA THR A 419 -21.27 2.26 -18.97
C THR A 419 -22.33 1.20 -19.27
N SER A 420 -21.93 -0.03 -19.54
CA SER A 420 -22.87 -1.12 -19.72
C SER A 420 -23.17 -1.86 -18.43
N LEU A 421 -22.43 -1.59 -17.36
CA LEU A 421 -22.65 -2.30 -16.10
C LEU A 421 -24.00 -1.93 -15.49
N ALA A 422 -24.35 -0.65 -15.48
CA ALA A 422 -25.60 -0.22 -14.85
C ALA A 422 -26.83 -0.83 -15.50
N PRO A 423 -27.00 -0.81 -16.83
CA PRO A 423 -28.20 -1.44 -17.40
C PRO A 423 -28.16 -2.96 -17.33
N MET A 424 -26.99 -3.58 -17.47
CA MET A 424 -26.91 -5.04 -17.43
C MET A 424 -27.18 -5.57 -16.03
N LEU A 425 -26.65 -4.89 -15.01
CA LEU A 425 -26.87 -5.35 -13.64
C LEU A 425 -28.33 -5.18 -13.22
N GLU A 426 -28.97 -4.11 -13.68
CA GLU A 426 -30.38 -3.89 -13.34
C GLU A 426 -31.25 -4.98 -13.95
N GLN A 427 -30.94 -5.41 -15.18
CA GLN A 427 -31.75 -6.44 -15.83
C GLN A 427 -31.56 -7.79 -15.16
N LEU A 428 -30.33 -8.10 -14.72
CA LEU A 428 -30.09 -9.36 -14.05
C LEU A 428 -30.82 -9.41 -12.71
N ASN A 429 -30.82 -8.29 -11.97
CA ASN A 429 -31.58 -8.22 -10.74
C ASN A 429 -33.07 -8.37 -11.02
N ARG A 430 -33.52 -7.89 -12.18
CA ARG A 430 -34.92 -8.01 -12.55
C ARG A 430 -35.26 -9.44 -12.95
N SER A 431 -34.37 -10.11 -13.67
CA SER A 431 -34.59 -11.47 -14.13
C SER A 431 -34.40 -12.51 -13.03
N PHE A 432 -33.78 -12.17 -11.92
CA PHE A 432 -33.56 -13.12 -10.83
C PHE A 432 -34.26 -12.58 -9.58
N GLU A 433 -35.53 -12.94 -9.43
CA GLU A 433 -36.32 -12.61 -8.24
C GLU A 433 -37.01 -13.88 -7.78
N GLY A 434 -36.50 -14.50 -6.73
CA GLY A 434 -37.06 -15.75 -6.23
C GLY A 434 -38.01 -15.56 -5.07
N ASP B 38 -33.80 15.95 2.25
CA ASP B 38 -34.88 16.75 1.66
C ASP B 38 -34.75 18.21 2.04
N ILE B 39 -35.09 18.54 3.29
CA ILE B 39 -35.06 19.92 3.76
C ILE B 39 -33.64 20.30 4.16
N LEU B 40 -32.68 19.41 3.91
CA LEU B 40 -31.29 19.71 4.22
C LEU B 40 -30.65 20.58 3.15
N ARG B 41 -31.06 20.43 1.89
CA ARG B 41 -30.46 21.20 0.80
C ARG B 41 -30.67 22.70 0.98
N LYS B 42 -31.78 23.12 1.60
CA LYS B 42 -32.01 24.54 1.81
C LYS B 42 -30.95 25.15 2.73
N LEU B 43 -30.36 24.35 3.62
CA LEU B 43 -29.25 24.84 4.42
C LEU B 43 -28.00 25.05 3.58
N ALA B 44 -27.79 24.20 2.57
CA ALA B 44 -26.64 24.36 1.69
C ALA B 44 -26.77 25.57 0.79
N GLU B 45 -27.99 26.06 0.57
CA GLU B 45 -28.19 27.27 -0.22
C GLU B 45 -27.92 28.53 0.58
N GLN B 46 -27.92 28.44 1.91
CA GLN B 46 -27.63 29.61 2.75
C GLN B 46 -26.15 29.95 2.75
N VAL B 47 -25.29 28.98 2.46
CA VAL B 47 -23.85 29.20 2.40
C VAL B 47 -23.47 29.38 0.93
N ASP B 48 -22.64 30.40 0.66
CA ASP B 48 -22.36 30.77 -0.73
C ASP B 48 -21.32 29.87 -1.37
N ASP B 49 -20.31 29.44 -0.62
CA ASP B 49 -19.23 28.63 -1.16
C ASP B 49 -19.08 27.37 -0.32
N ILE B 50 -19.14 26.22 -0.97
CA ILE B 50 -18.95 24.93 -0.33
C ILE B 50 -17.79 24.21 -1.01
N VAL B 51 -16.82 23.78 -0.22
CA VAL B 51 -15.61 23.13 -0.74
C VAL B 51 -15.57 21.70 -0.20
N PHE B 52 -15.50 20.73 -1.10
CA PHE B 52 -15.34 19.33 -0.74
C PHE B 52 -13.88 18.91 -0.91
N ILE B 53 -13.35 18.22 0.08
CA ILE B 53 -12.01 17.66 0.04
C ILE B 53 -12.15 16.15 0.05
N SER B 54 -11.61 15.48 -0.98
CA SER B 54 -11.76 14.05 -1.11
C SER B 54 -10.44 13.44 -1.58
N GLY B 55 -10.42 12.11 -1.64
CA GLY B 55 -9.21 11.35 -1.91
C GLY B 55 -9.02 10.25 -0.89
N THR B 56 -8.00 9.43 -1.16
CA THR B 56 -7.70 8.31 -0.28
C THR B 56 -6.80 8.72 0.89
N ASN B 57 -5.82 9.57 0.64
CA ASN B 57 -4.90 10.03 1.68
C ASN B 57 -4.75 11.53 1.63
N GLY B 58 -4.61 12.15 2.80
CA GLY B 58 -4.36 13.57 2.90
C GLY B 58 -5.58 14.46 3.02
N LYS B 59 -6.77 13.88 3.23
CA LYS B 59 -7.97 14.69 3.35
C LYS B 59 -7.93 15.56 4.62
N THR B 60 -7.54 14.96 5.74
CA THR B 60 -7.60 15.69 7.02
C THR B 60 -6.58 16.81 7.06
N THR B 61 -5.35 16.53 6.63
CA THR B 61 -4.32 17.57 6.65
C THR B 61 -4.68 18.72 5.71
N THR B 62 -5.17 18.41 4.52
CA THR B 62 -5.57 19.45 3.57
C THR B 62 -6.77 20.22 4.10
N SER B 63 -7.77 19.52 4.62
CA SER B 63 -8.97 20.19 5.13
C SER B 63 -8.63 21.09 6.30
N ASN B 64 -7.71 20.65 7.18
CA ASN B 64 -7.32 21.48 8.31
C ASN B 64 -6.52 22.70 7.85
N LEU B 65 -5.68 22.53 6.83
CA LEU B 65 -4.91 23.65 6.32
C LEU B 65 -5.81 24.73 5.71
N ILE B 66 -6.86 24.31 4.99
CA ILE B 66 -7.80 25.26 4.43
C ILE B 66 -8.59 25.95 5.54
N GLY B 67 -9.10 25.18 6.49
CA GLY B 67 -9.93 25.75 7.53
C GLY B 67 -9.14 26.64 8.48
N HIS B 68 -7.90 26.28 8.78
CA HIS B 68 -7.09 27.07 9.71
C HIS B 68 -6.73 28.42 9.11
N THR B 69 -6.43 28.46 7.82
CA THR B 69 -6.07 29.72 7.18
C THR B 69 -7.28 30.66 7.09
N LEU B 70 -8.48 30.11 6.86
CA LEU B 70 -9.67 30.94 6.79
C LEU B 70 -10.05 31.48 8.17
N LYS B 71 -9.93 30.67 9.21
CA LYS B 71 -10.22 31.14 10.56
C LYS B 71 -9.24 32.23 11.00
N ALA B 72 -7.98 32.13 10.58
CA ALA B 72 -7.00 33.15 10.91
C ALA B 72 -7.32 34.50 10.26
N ASN B 73 -8.08 34.49 9.16
CA ASN B 73 -8.50 35.71 8.50
C ASN B 73 -9.86 36.21 8.99
N ASN B 74 -10.30 35.74 10.17
CA ASN B 74 -11.57 36.14 10.77
C ASN B 74 -12.75 35.83 9.86
N ILE B 75 -12.62 34.78 9.04
CA ILE B 75 -13.69 34.36 8.15
C ILE B 75 -14.49 33.26 8.83
N GLN B 76 -15.78 33.47 8.96
CA GLN B 76 -16.67 32.47 9.58
C GLN B 76 -16.94 31.35 8.59
N ILE B 77 -16.56 30.13 8.95
CA ILE B 77 -16.66 28.98 8.07
C ILE B 77 -17.34 27.83 8.81
N ILE B 78 -17.75 26.83 8.02
CA ILE B 78 -18.25 25.56 8.55
C ILE B 78 -17.21 24.49 8.24
N HIS B 79 -16.78 23.77 9.28
CA HIS B 79 -15.69 22.82 9.16
C HIS B 79 -15.99 21.61 10.01
N ASN B 80 -15.76 20.42 9.45
CA ASN B 80 -15.98 19.17 10.13
C ASN B 80 -14.64 18.57 10.58
N ASN B 81 -14.69 17.34 11.11
CA ASN B 81 -13.51 16.63 11.57
C ASN B 81 -13.44 15.28 10.88
N GLU B 82 -12.41 14.50 11.22
CA GLU B 82 -12.22 13.21 10.58
C GLU B 82 -13.31 12.21 10.97
N GLY B 83 -13.83 12.32 12.20
CA GLY B 83 -14.84 11.41 12.66
C GLY B 83 -16.24 11.71 12.21
N ALA B 84 -16.41 12.60 11.24
CA ALA B 84 -17.73 12.96 10.71
C ALA B 84 -17.57 13.46 9.29
N ASN B 85 -17.08 12.59 8.40
CA ASN B 85 -16.90 12.93 6.99
C ASN B 85 -17.78 12.07 6.09
N MET B 86 -18.85 11.50 6.61
CA MET B 86 -19.77 10.70 5.82
C MET B 86 -21.14 11.35 5.76
N ALA B 87 -22.16 10.59 5.34
CA ALA B 87 -23.48 11.18 5.11
C ALA B 87 -24.04 11.79 6.40
N ALA B 88 -24.10 11.01 7.47
CA ALA B 88 -24.67 11.51 8.71
C ALA B 88 -23.76 12.51 9.39
N GLY B 89 -22.44 12.36 9.23
CA GLY B 89 -21.51 13.28 9.87
C GLY B 89 -21.50 14.65 9.23
N ILE B 90 -21.54 14.71 7.90
CA ILE B 90 -21.56 16.00 7.22
C ILE B 90 -22.90 16.70 7.44
N THR B 91 -23.99 15.94 7.46
CA THR B 91 -25.30 16.54 7.74
C THR B 91 -25.33 17.16 9.12
N SER B 92 -24.78 16.47 10.12
CA SER B 92 -24.71 17.02 11.46
C SER B 92 -23.77 18.22 11.54
N ALA B 93 -22.74 18.24 10.69
CA ALA B 93 -21.77 19.33 10.72
C ALA B 93 -22.42 20.66 10.34
N PHE B 94 -23.28 20.66 9.33
CA PHE B 94 -23.94 21.88 8.91
C PHE B 94 -24.93 22.36 9.97
N ILE B 95 -25.60 21.45 10.66
CA ILE B 95 -26.61 21.83 11.64
C ILE B 95 -25.97 22.51 12.84
N MET B 96 -24.89 21.92 13.38
CA MET B 96 -24.28 22.44 14.58
C MET B 96 -23.57 23.78 14.35
N GLN B 97 -23.16 24.07 13.12
CA GLN B 97 -22.31 25.22 12.85
C GLN B 97 -22.94 26.27 11.95
N SER B 98 -24.18 26.07 11.48
CA SER B 98 -24.81 27.04 10.59
C SER B 98 -25.24 28.26 11.38
N THR B 99 -24.69 29.41 11.02
CA THR B 99 -25.05 30.71 11.56
C THR B 99 -25.24 31.67 10.39
N PRO B 100 -25.91 32.80 10.61
CA PRO B 100 -26.00 33.81 9.54
C PRO B 100 -24.65 34.35 9.11
N LYS B 101 -23.56 33.96 9.78
CA LYS B 101 -22.22 34.45 9.48
C LYS B 101 -21.48 33.54 8.49
N THR B 102 -21.77 32.25 8.49
CA THR B 102 -21.02 31.29 7.70
C THR B 102 -21.26 31.50 6.21
N LYS B 103 -20.18 31.83 5.48
CA LYS B 103 -20.25 32.00 4.03
C LYS B 103 -19.49 30.94 3.26
N ILE B 104 -18.51 30.27 3.88
CA ILE B 104 -17.71 29.25 3.22
C ILE B 104 -17.81 27.96 4.02
N ALA B 105 -18.00 26.85 3.31
CA ALA B 105 -18.06 25.53 3.92
C ALA B 105 -16.88 24.69 3.44
N VAL B 106 -16.03 24.28 4.38
CA VAL B 106 -14.85 23.47 4.07
C VAL B 106 -15.04 22.14 4.80
N ILE B 107 -15.39 21.10 4.07
CA ILE B 107 -15.67 19.79 4.64
C ILE B 107 -14.98 18.71 3.82
N GLU B 108 -14.39 17.74 4.52
CA GLU B 108 -13.85 16.55 3.89
C GLU B 108 -14.93 15.48 3.84
N ILE B 109 -14.84 14.61 2.83
CA ILE B 109 -15.86 13.59 2.59
C ILE B 109 -15.20 12.30 2.13
N ASP B 110 -15.65 11.18 2.67
CA ASP B 110 -15.20 9.88 2.22
C ASP B 110 -15.70 9.62 0.80
N GLU B 111 -14.80 9.15 -0.06
CA GLU B 111 -15.16 8.94 -1.46
C GLU B 111 -16.27 7.92 -1.63
N GLY B 112 -16.45 7.01 -0.66
CA GLY B 112 -17.57 6.08 -0.73
C GLY B 112 -18.90 6.73 -0.46
N SER B 113 -18.92 7.89 0.19
CA SER B 113 -20.14 8.60 0.51
C SER B 113 -20.46 9.73 -0.47
N ILE B 114 -19.66 9.89 -1.52
CA ILE B 114 -19.88 10.98 -2.48
C ILE B 114 -21.23 10.84 -3.18
N PRO B 115 -21.61 9.68 -3.73
CA PRO B 115 -22.92 9.61 -4.42
C PRO B 115 -24.10 9.92 -3.52
N ARG B 116 -24.07 9.46 -2.27
CA ARG B 116 -25.20 9.70 -1.37
C ARG B 116 -25.29 11.15 -0.95
N VAL B 117 -24.15 11.79 -0.69
CA VAL B 117 -24.16 13.18 -0.22
C VAL B 117 -24.58 14.12 -1.34
N LEU B 118 -24.04 13.92 -2.54
CA LEU B 118 -24.33 14.81 -3.66
C LEU B 118 -25.78 14.73 -4.13
N LYS B 119 -26.55 13.74 -3.67
CA LYS B 119 -27.97 13.72 -3.97
C LYS B 119 -28.74 14.84 -3.26
N GLU B 120 -28.13 15.51 -2.30
CA GLU B 120 -28.77 16.60 -1.57
C GLU B 120 -27.93 17.86 -1.45
N VAL B 121 -26.63 17.80 -1.77
CA VAL B 121 -25.73 18.94 -1.65
C VAL B 121 -24.90 19.03 -2.93
N THR B 122 -24.70 20.27 -3.41
CA THR B 122 -23.86 20.53 -4.57
C THR B 122 -22.87 21.61 -4.19
N PRO B 123 -21.57 21.33 -4.21
CA PRO B 123 -20.58 22.33 -3.81
C PRO B 123 -20.06 23.13 -4.99
N SER B 124 -19.55 24.33 -4.67
CA SER B 124 -19.04 25.22 -5.71
C SER B 124 -17.76 24.68 -6.33
N MET B 125 -16.82 24.22 -5.50
CA MET B 125 -15.58 23.65 -5.99
C MET B 125 -15.27 22.39 -5.18
N MET B 126 -14.48 21.51 -5.80
CA MET B 126 -14.14 20.21 -5.19
C MET B 126 -12.71 19.88 -5.54
N VAL B 127 -11.92 19.53 -4.53
CA VAL B 127 -10.51 19.23 -4.68
C VAL B 127 -10.29 17.75 -4.37
N PHE B 128 -9.47 17.10 -5.19
CA PHE B 128 -9.11 15.70 -4.99
C PHE B 128 -7.61 15.60 -4.79
N THR B 129 -7.20 14.88 -3.76
CA THR B 129 -5.77 14.76 -3.44
C THR B 129 -5.13 13.65 -4.26
N ASN B 130 -5.64 12.42 -4.13
CA ASN B 130 -5.07 11.27 -4.80
C ASN B 130 -6.02 10.09 -4.68
N PHE B 131 -5.72 9.03 -5.42
CA PHE B 131 -6.42 7.76 -5.33
C PHE B 131 -5.39 6.64 -5.31
N PHE B 132 -5.43 5.80 -4.28
CA PHE B 132 -4.46 4.72 -4.11
C PHE B 132 -5.18 3.40 -3.87
N ARG B 133 -4.63 2.32 -4.43
CA ARG B 133 -5.17 1.00 -4.17
C ARG B 133 -4.87 0.59 -2.73
N ASP B 134 -5.87 0.00 -2.08
CA ASP B 134 -5.78 -0.42 -0.68
C ASP B 134 -4.94 -1.68 -0.47
N GLN B 135 -4.05 -2.03 -1.41
CA GLN B 135 -3.14 -3.17 -1.28
C GLN B 135 -3.91 -4.49 -1.21
N MET B 136 -4.98 -4.53 -0.40
CA MET B 136 -5.87 -5.68 -0.39
C MET B 136 -7.20 -5.23 -1.00
N ASP B 137 -7.14 -4.81 -2.26
CA ASP B 137 -8.31 -4.33 -2.99
C ASP B 137 -8.40 -5.07 -4.31
N ARG B 138 -9.59 -5.59 -4.60
CA ARG B 138 -9.85 -6.30 -5.84
C ARG B 138 -9.34 -5.52 -7.05
N PHE B 139 -8.70 -6.24 -7.98
CA PHE B 139 -8.20 -5.70 -9.24
C PHE B 139 -9.20 -4.75 -9.89
N GLY B 140 -8.78 -3.50 -10.08
CA GLY B 140 -9.62 -2.50 -10.70
C GLY B 140 -10.58 -1.80 -9.78
N GLU B 141 -10.37 -1.89 -8.47
CA GLU B 141 -11.23 -1.15 -7.53
C GLU B 141 -11.08 0.34 -7.71
N ILE B 142 -9.88 0.81 -8.07
CA ILE B 142 -9.66 2.24 -8.26
C ILE B 142 -10.35 2.73 -9.52
N ASP B 143 -10.24 1.97 -10.62
CA ASP B 143 -10.83 2.40 -11.88
C ASP B 143 -12.34 2.52 -11.77
N ILE B 144 -12.99 1.56 -11.13
CA ILE B 144 -14.45 1.59 -11.00
C ILE B 144 -14.88 2.74 -10.11
N MET B 145 -14.15 2.98 -9.02
CA MET B 145 -14.54 4.04 -8.09
C MET B 145 -14.41 5.42 -8.71
N VAL B 146 -13.32 5.66 -9.45
CA VAL B 146 -13.15 6.96 -10.10
C VAL B 146 -14.26 7.22 -11.12
N ASN B 147 -14.66 6.17 -11.85
CA ASN B 147 -15.75 6.32 -12.80
C ASN B 147 -17.09 6.52 -12.10
N ASN B 148 -17.29 5.89 -10.93
CA ASN B 148 -18.52 6.10 -10.18
C ASN B 148 -18.61 7.52 -9.63
N ILE B 149 -17.48 8.11 -9.26
CA ILE B 149 -17.49 9.48 -8.79
C ILE B 149 -17.73 10.44 -9.95
N ALA B 150 -17.17 10.13 -11.13
CA ALA B 150 -17.29 11.03 -12.27
C ALA B 150 -18.74 11.13 -12.73
N GLU B 151 -19.45 10.01 -12.80
CA GLU B 151 -20.86 10.06 -13.19
C GLU B 151 -21.73 10.72 -12.14
N THR B 152 -21.28 10.73 -10.87
CA THR B 152 -22.02 11.43 -9.84
C THR B 152 -21.78 12.94 -9.93
N ILE B 153 -20.53 13.35 -10.16
CA ILE B 153 -20.20 14.76 -10.26
C ILE B 153 -20.37 15.21 -11.70
N SER B 154 -20.92 14.32 -12.54
CA SER B 154 -21.19 14.66 -13.93
C SER B 154 -22.14 15.84 -13.99
N ASN B 155 -21.90 16.73 -14.94
CA ASN B 155 -22.60 18.02 -15.04
C ASN B 155 -22.33 18.77 -13.73
N LYS B 156 -23.36 19.31 -13.06
CA LYS B 156 -23.25 19.95 -11.76
C LYS B 156 -22.34 21.18 -11.73
N GLY B 157 -21.68 21.49 -12.85
CA GLY B 157 -20.88 22.69 -12.98
C GLY B 157 -19.93 22.97 -11.84
N ILE B 158 -19.21 21.95 -11.41
CA ILE B 158 -18.32 22.03 -10.24
C ILE B 158 -16.91 22.36 -10.71
N LYS B 159 -16.27 23.33 -10.06
CA LYS B 159 -14.88 23.65 -10.32
C LYS B 159 -14.01 22.56 -9.72
N LEU B 160 -13.38 21.75 -10.56
CA LEU B 160 -12.58 20.62 -10.10
C LEU B 160 -11.12 21.03 -9.97
N LEU B 161 -10.57 20.88 -8.77
CA LEU B 161 -9.16 21.16 -8.51
C LEU B 161 -8.44 19.81 -8.45
N LEU B 162 -7.82 19.43 -9.55
CA LEU B 162 -7.28 18.10 -9.74
C LEU B 162 -5.76 18.10 -9.62
N ASN B 163 -5.23 17.00 -9.08
CA ASN B 163 -3.80 16.79 -9.01
C ASN B 163 -3.30 16.34 -10.39
N ALA B 164 -2.53 17.19 -11.05
CA ALA B 164 -2.05 16.87 -12.39
C ALA B 164 -1.09 15.68 -12.40
N ASP B 165 -0.43 15.40 -11.28
CA ASP B 165 0.54 14.32 -11.22
C ASP B 165 -0.10 12.95 -10.99
N ASP B 166 -1.37 12.91 -10.59
CA ASP B 166 -2.06 11.65 -10.38
C ASP B 166 -2.93 11.35 -11.60
N PRO B 167 -2.66 10.26 -12.34
CA PRO B 167 -3.47 9.98 -13.53
C PRO B 167 -4.91 9.63 -13.21
N PHE B 168 -5.14 8.92 -12.11
CA PHE B 168 -6.52 8.56 -11.75
C PHE B 168 -7.30 9.75 -11.22
N VAL B 169 -6.63 10.82 -10.81
CA VAL B 169 -7.34 12.03 -10.41
C VAL B 169 -7.66 12.90 -11.62
N SER B 170 -6.71 13.02 -12.56
CA SER B 170 -6.96 13.79 -13.76
C SER B 170 -8.02 13.16 -14.66
N ARG B 171 -8.34 11.88 -14.44
CA ARG B 171 -9.43 11.25 -15.18
C ARG B 171 -10.75 11.97 -14.94
N LEU B 172 -10.89 12.62 -13.79
CA LEU B 172 -12.12 13.34 -13.46
C LEU B 172 -12.31 14.60 -14.28
N LYS B 173 -11.38 14.93 -15.18
CA LYS B 173 -11.54 16.10 -16.05
C LYS B 173 -12.69 15.95 -17.02
N ILE B 174 -13.28 14.75 -17.15
CA ILE B 174 -14.37 14.52 -18.08
C ILE B 174 -15.73 14.84 -17.49
N ALA B 175 -15.79 15.30 -16.24
CA ALA B 175 -17.06 15.53 -15.56
C ALA B 175 -17.34 17.00 -15.30
N SER B 176 -16.54 17.91 -15.86
CA SER B 176 -16.75 19.33 -15.64
C SER B 176 -16.06 20.11 -16.75
N ASP B 177 -16.35 21.41 -16.80
CA ASP B 177 -15.73 22.31 -17.76
C ASP B 177 -14.71 23.27 -17.16
N THR B 178 -14.80 23.53 -15.85
CA THR B 178 -13.85 24.41 -15.17
C THR B 178 -12.88 23.55 -14.38
N ILE B 179 -11.70 23.31 -14.95
CA ILE B 179 -10.68 22.46 -14.35
C ILE B 179 -9.48 23.32 -14.00
N VAL B 180 -9.00 23.17 -12.77
CA VAL B 180 -7.80 23.86 -12.29
C VAL B 180 -6.79 22.78 -11.92
N TYR B 181 -5.61 22.84 -12.54
CA TYR B 181 -4.57 21.84 -12.34
C TYR B 181 -3.50 22.39 -11.40
N TYR B 182 -3.12 21.57 -10.42
CA TYR B 182 -1.98 21.85 -9.57
C TYR B 182 -1.05 20.64 -9.59
N GLY B 183 0.25 20.90 -9.49
CA GLY B 183 1.21 19.82 -9.55
C GLY B 183 2.56 20.25 -9.04
N MET B 184 3.55 19.40 -9.29
CA MET B 184 4.89 19.58 -8.78
C MET B 184 5.89 19.36 -9.89
N LYS B 185 6.83 20.29 -10.07
CA LYS B 185 7.83 20.17 -11.11
C LYS B 185 8.69 18.93 -10.88
N ALA B 186 9.31 18.47 -11.96
CA ALA B 186 10.17 17.29 -11.89
C ALA B 186 11.40 17.58 -11.05
N HIS B 187 11.85 16.57 -10.30
CA HIS B 187 13.04 16.64 -9.46
C HIS B 187 12.93 17.70 -8.37
N ALA B 188 11.70 18.08 -8.00
CA ALA B 188 11.54 19.01 -6.89
C ALA B 188 12.01 18.41 -5.57
N HIS B 189 11.97 17.09 -5.47
CA HIS B 189 12.40 16.34 -4.29
C HIS B 189 12.49 14.88 -4.66
N GLU B 190 13.41 14.17 -4.02
CA GLU B 190 13.60 12.74 -4.26
C GLU B 190 12.91 11.98 -3.14
N PHE B 191 11.79 11.36 -3.47
CA PHE B 191 10.99 10.62 -2.49
C PHE B 191 11.51 9.20 -2.32
N GLU B 192 11.23 8.63 -1.15
CA GLU B 192 11.37 7.19 -0.97
C GLU B 192 10.22 6.52 -1.71
N GLN B 193 10.53 5.82 -2.79
CA GLN B 193 9.50 5.37 -3.72
C GLN B 193 9.65 3.87 -3.95
N SER B 194 9.00 3.38 -5.01
CA SER B 194 8.99 1.96 -5.42
C SER B 194 8.34 1.06 -4.38
N THR B 195 7.51 1.63 -3.49
CA THR B 195 6.75 0.79 -2.56
C THR B 195 5.78 -0.11 -3.32
N MET B 196 5.17 0.41 -4.38
CA MET B 196 4.41 -0.39 -5.32
C MET B 196 4.81 0.05 -6.72
N ASN B 197 5.38 -0.87 -7.49
CA ASN B 197 5.89 -0.58 -8.82
C ASN B 197 5.04 -1.23 -9.92
N GLU B 198 3.75 -1.46 -9.65
CA GLU B 198 2.91 -2.12 -10.63
C GLU B 198 2.68 -1.18 -11.81
N SER B 199 2.17 -1.76 -12.90
CA SER B 199 1.93 -1.01 -14.13
C SER B 199 0.47 -0.57 -14.16
N ARG B 200 0.26 0.73 -14.34
CA ARG B 200 -1.07 1.32 -14.38
C ARG B 200 -1.48 1.59 -15.81
N TYR B 201 -2.78 1.43 -16.07
CA TYR B 201 -3.35 1.64 -17.39
C TYR B 201 -3.91 3.06 -17.50
N CYS B 202 -4.01 3.54 -18.73
CA CYS B 202 -4.58 4.86 -18.96
C CYS B 202 -6.06 4.82 -18.64
N PRO B 203 -6.57 5.70 -17.76
CA PRO B 203 -8.00 5.69 -17.45
C PRO B 203 -8.89 6.16 -18.59
N ASN B 204 -8.32 6.52 -19.74
CA ASN B 204 -9.07 6.98 -20.89
C ASN B 204 -9.17 5.95 -22.01
N CYS B 205 -8.13 5.16 -22.23
CA CYS B 205 -8.14 4.14 -23.29
C CYS B 205 -7.72 2.76 -22.81
N GLY B 206 -7.10 2.62 -21.64
CA GLY B 206 -6.72 1.34 -21.10
C GLY B 206 -5.33 0.88 -21.46
N ARG B 207 -4.55 1.69 -22.18
CA ARG B 207 -3.20 1.30 -22.53
C ARG B 207 -2.22 1.63 -21.41
N LEU B 208 -1.03 1.03 -21.49
CA LEU B 208 0.01 1.26 -20.49
C LEU B 208 0.48 2.71 -20.54
N LEU B 209 0.47 3.37 -19.39
CA LEU B 209 0.83 4.78 -19.31
C LEU B 209 2.34 4.96 -19.40
N GLN B 210 2.77 5.80 -20.34
CA GLN B 210 4.17 6.19 -20.44
C GLN B 210 4.45 7.32 -19.47
N TYR B 211 5.53 7.19 -18.71
CA TYR B 211 5.92 8.17 -17.69
C TYR B 211 7.22 8.85 -18.08
N ASP B 212 7.20 10.19 -18.12
CA ASP B 212 8.43 10.94 -18.36
C ASP B 212 9.26 11.09 -17.09
N TYR B 213 8.60 11.22 -15.94
CA TYR B 213 9.26 11.28 -14.65
C TYR B 213 8.27 10.82 -13.59
N ILE B 214 8.76 10.08 -12.61
CA ILE B 214 7.92 9.47 -11.57
C ILE B 214 8.36 10.01 -10.22
N HIS B 215 7.44 10.65 -9.50
CA HIS B 215 7.70 11.03 -8.12
C HIS B 215 7.72 9.80 -7.22
N TYR B 216 6.63 9.04 -7.20
CA TYR B 216 6.51 7.81 -6.43
C TYR B 216 5.25 7.09 -6.87
N ASN B 217 5.36 5.77 -7.07
CA ASN B 217 4.23 4.92 -7.46
C ASN B 217 3.69 5.46 -8.78
N GLN B 218 2.40 5.77 -8.90
CA GLN B 218 1.84 6.31 -10.13
C GLN B 218 1.92 7.83 -10.19
N ILE B 219 2.32 8.49 -9.10
CA ILE B 219 2.40 9.95 -9.10
C ILE B 219 3.63 10.39 -9.89
N GLY B 220 3.40 11.13 -10.95
CA GLY B 220 4.51 11.59 -11.77
C GLY B 220 4.01 12.33 -12.98
N HIS B 221 4.91 12.49 -13.96
CA HIS B 221 4.60 13.18 -15.21
C HIS B 221 4.36 12.13 -16.28
N TYR B 222 3.08 11.90 -16.60
CA TYR B 222 2.67 10.89 -17.55
C TYR B 222 2.20 11.56 -18.85
N HIS B 223 2.30 10.81 -19.94
CA HIS B 223 1.86 11.30 -21.24
C HIS B 223 1.46 10.10 -22.08
N CYS B 224 0.16 9.98 -22.37
CA CYS B 224 -0.34 8.96 -23.27
C CYS B 224 -0.74 9.61 -24.59
N GLN B 225 -0.43 8.92 -25.68
CA GLN B 225 -0.67 9.46 -27.01
C GLN B 225 -2.14 9.43 -27.42
N CYS B 226 -3.03 9.01 -26.53
CA CYS B 226 -4.46 9.17 -26.76
C CYS B 226 -4.94 10.58 -26.46
N GLY B 227 -4.06 11.45 -25.95
CA GLY B 227 -4.40 12.79 -25.52
C GLY B 227 -4.32 12.98 -24.02
N PHE B 228 -4.59 11.94 -23.25
CA PHE B 228 -4.52 12.03 -21.80
C PHE B 228 -3.07 12.17 -21.35
N LYS B 229 -2.78 13.25 -20.63
CA LYS B 229 -1.41 13.57 -20.27
C LYS B 229 -1.39 14.34 -18.96
N ARG B 230 -0.18 14.54 -18.43
CA ARG B 230 0.04 15.42 -17.29
C ARG B 230 -0.13 16.86 -17.75
N GLU B 231 -1.28 17.44 -17.46
CA GLU B 231 -1.60 18.78 -17.96
C GLU B 231 -0.75 19.83 -17.26
N GLN B 232 -0.72 21.03 -17.86
CA GLN B 232 0.04 22.14 -17.29
C GLN B 232 -0.58 22.59 -15.98
N ALA B 233 0.25 22.78 -14.96
CA ALA B 233 -0.22 23.10 -13.63
C ALA B 233 -0.35 24.61 -13.48
N LYS B 234 -1.48 25.05 -12.92
CA LYS B 234 -1.67 26.46 -12.64
C LYS B 234 -0.85 26.89 -11.42
N TYR B 235 -0.86 26.09 -10.37
CA TYR B 235 -0.05 26.31 -9.18
C TYR B 235 0.90 25.14 -9.04
N GLU B 236 2.20 25.41 -9.14
CA GLU B 236 3.20 24.36 -9.23
C GLU B 236 4.30 24.59 -8.19
N ILE B 237 4.70 23.51 -7.53
CA ILE B 237 5.82 23.54 -6.61
C ILE B 237 7.08 23.23 -7.39
N SER B 238 8.03 24.17 -7.38
CA SER B 238 9.26 23.98 -8.15
C SER B 238 10.27 23.14 -7.37
N SER B 239 10.34 23.30 -6.06
CA SER B 239 11.28 22.55 -5.23
C SER B 239 10.89 22.74 -3.76
N PHE B 240 11.24 21.74 -2.95
CA PHE B 240 11.01 21.82 -1.51
C PHE B 240 11.94 20.84 -0.81
N ASP B 241 12.02 20.97 0.50
CA ASP B 241 12.83 20.08 1.32
C ASP B 241 12.21 19.98 2.71
N VAL B 242 12.60 18.95 3.45
CA VAL B 242 12.13 18.70 4.81
C VAL B 242 13.37 18.70 5.70
N ALA B 243 13.67 19.86 6.29
CA ALA B 243 14.85 19.98 7.14
C ALA B 243 14.69 21.12 8.14
N PRO B 244 14.00 20.89 9.27
CA PRO B 244 13.30 19.64 9.57
C PRO B 244 11.82 19.70 9.20
N PHE B 245 11.36 20.89 8.82
CA PHE B 245 9.97 21.11 8.43
C PHE B 245 9.87 21.34 6.94
N LEU B 246 8.64 21.42 6.46
CA LEU B 246 8.39 21.68 5.04
C LEU B 246 8.73 23.13 4.71
N TYR B 247 9.51 23.31 3.64
CA TYR B 247 9.83 24.64 3.11
C TYR B 247 9.50 24.59 1.62
N LEU B 248 8.36 25.17 1.25
CA LEU B 248 7.80 25.01 -0.08
C LEU B 248 8.10 26.22 -0.96
N ASN B 249 8.19 25.95 -2.27
CA ASN B 249 8.33 26.97 -3.30
C ASN B 249 7.12 26.87 -4.23
N ILE B 250 6.10 27.67 -3.96
CA ILE B 250 4.84 27.61 -4.71
C ILE B 250 4.73 28.87 -5.54
N ASN B 251 4.92 28.73 -6.85
CA ASN B 251 4.81 29.83 -7.80
C ASN B 251 5.71 31.01 -7.40
N ASP B 252 6.99 30.70 -7.25
CA ASP B 252 8.03 31.70 -6.98
C ASP B 252 7.81 32.41 -5.65
N GLU B 253 7.28 31.70 -4.66
CA GLU B 253 7.07 32.23 -3.33
C GLU B 253 7.53 31.21 -2.29
N LYS B 254 8.18 31.69 -1.24
CA LYS B 254 8.68 30.82 -0.18
C LYS B 254 7.64 30.68 0.92
N TYR B 255 7.50 29.46 1.44
CA TYR B 255 6.56 29.15 2.51
C TYR B 255 7.29 28.31 3.55
N ASP B 256 7.57 28.90 4.70
CA ASP B 256 8.26 28.21 5.81
C ASP B 256 7.19 27.69 6.76
N MET B 257 6.79 26.44 6.55
CA MET B 257 5.72 25.85 7.33
C MET B 257 6.26 25.16 8.58
N LYS B 258 5.34 24.70 9.42
CA LYS B 258 5.68 24.05 10.67
C LYS B 258 5.14 22.62 10.74
N ILE B 259 5.07 21.95 9.59
CA ILE B 259 4.73 20.54 9.52
C ILE B 259 5.81 19.83 8.72
N ALA B 260 5.93 18.53 8.96
CA ALA B 260 6.95 17.70 8.34
C ALA B 260 6.29 16.64 7.47
N GLY B 261 7.12 15.80 6.85
CA GLY B 261 6.62 14.76 5.98
C GLY B 261 6.71 15.13 4.51
N ASP B 262 7.35 14.27 3.72
CA ASP B 262 7.45 14.54 2.28
C ASP B 262 6.07 14.64 1.64
N PHE B 263 5.14 13.78 2.06
CA PHE B 263 3.82 13.71 1.42
C PHE B 263 2.88 14.83 1.85
N ASN B 264 3.22 15.58 2.90
CA ASN B 264 2.40 16.75 3.23
C ASN B 264 2.63 17.90 2.26
N ALA B 265 3.64 17.80 1.40
CA ALA B 265 3.87 18.83 0.39
C ALA B 265 2.70 18.90 -0.59
N TYR B 266 2.17 17.75 -1.00
CA TYR B 266 1.00 17.75 -1.88
C TYR B 266 -0.24 18.23 -1.13
N ASN B 267 -0.36 17.91 0.16
CA ASN B 267 -1.52 18.34 0.93
C ASN B 267 -1.54 19.86 1.10
N ALA B 268 -0.37 20.48 1.23
CA ALA B 268 -0.32 21.94 1.34
C ALA B 268 -0.61 22.60 0.00
N LEU B 269 -0.11 22.00 -1.09
CA LEU B 269 -0.37 22.55 -2.42
C LEU B 269 -1.84 22.46 -2.78
N ALA B 270 -2.49 21.34 -2.41
CA ALA B 270 -3.93 21.23 -2.62
C ALA B 270 -4.69 22.27 -1.79
N ALA B 271 -4.19 22.54 -0.58
CA ALA B 271 -4.80 23.60 0.23
C ALA B 271 -4.51 24.97 -0.35
N TYR B 272 -3.31 25.16 -0.90
CA TYR B 272 -2.99 26.44 -1.54
C TYR B 272 -3.89 26.70 -2.74
N THR B 273 -4.20 25.65 -3.50
CA THR B 273 -5.06 25.81 -4.68
C THR B 273 -6.47 26.22 -4.28
N VAL B 274 -7.01 25.60 -3.22
CA VAL B 274 -8.35 25.95 -2.77
C VAL B 274 -8.41 27.40 -2.31
N LEU B 275 -7.42 27.82 -1.52
CA LEU B 275 -7.44 29.17 -0.96
C LEU B 275 -7.25 30.23 -2.05
N ARG B 276 -6.44 29.92 -3.06
CA ARG B 276 -6.27 30.87 -4.17
C ARG B 276 -7.56 31.02 -4.97
N GLU B 277 -8.25 29.91 -5.22
CA GLU B 277 -9.51 29.97 -5.96
C GLU B 277 -10.65 30.61 -5.17
N LEU B 278 -10.48 30.78 -3.86
CA LEU B 278 -11.49 31.44 -3.03
C LEU B 278 -11.29 32.95 -2.96
N GLY B 279 -10.24 33.49 -3.56
CA GLY B 279 -9.99 34.92 -3.59
C GLY B 279 -8.90 35.39 -2.65
N LEU B 280 -8.33 34.52 -1.82
CA LEU B 280 -7.27 34.91 -0.92
C LEU B 280 -5.98 35.10 -1.70
N ASN B 281 -5.32 36.24 -1.50
CA ASN B 281 -4.08 36.53 -2.21
C ASN B 281 -2.93 35.72 -1.62
N GLU B 282 -1.75 35.89 -2.22
CA GLU B 282 -0.60 35.08 -1.84
C GLU B 282 -0.05 35.44 -0.47
N GLN B 283 -0.26 36.68 -0.02
CA GLN B 283 0.30 37.11 1.26
C GLN B 283 -0.53 36.59 2.43
N THR B 284 -1.86 36.58 2.29
CA THR B 284 -2.71 36.10 3.37
C THR B 284 -2.51 34.60 3.60
N ILE B 285 -2.37 33.82 2.52
CA ILE B 285 -2.09 32.39 2.66
C ILE B 285 -0.73 32.16 3.28
N LYS B 286 0.24 33.03 2.99
CA LYS B 286 1.58 32.85 3.53
C LYS B 286 1.61 33.01 5.05
N ASN B 287 0.73 33.83 5.61
CA ASN B 287 0.70 34.01 7.05
C ASN B 287 0.08 32.80 7.74
N GLY B 288 -1.04 32.30 7.21
CA GLY B 288 -1.70 31.17 7.84
C GLY B 288 -0.94 29.86 7.71
N PHE B 289 -0.22 29.68 6.60
CA PHE B 289 0.52 28.43 6.41
C PHE B 289 1.72 28.34 7.33
N GLU B 290 2.33 29.47 7.69
CA GLU B 290 3.53 29.47 8.52
C GLU B 290 3.22 29.32 10.00
N THR B 291 1.95 29.17 10.38
CA THR B 291 1.57 29.00 11.78
C THR B 291 0.82 27.70 12.05
N TYR B 292 0.35 27.01 11.02
CA TYR B 292 -0.35 25.75 11.24
C TYR B 292 0.63 24.64 11.63
N THR B 293 0.17 23.74 12.49
CA THR B 293 0.97 22.61 12.92
C THR B 293 0.04 21.49 13.35
N SER B 294 0.61 20.31 13.56
CA SER B 294 -0.17 19.17 14.00
C SER B 294 -0.58 19.35 15.46
N ASP B 295 -1.41 18.41 15.95
CA ASP B 295 -1.92 18.50 17.31
C ASP B 295 -1.93 17.14 18.02
N ASN B 296 -1.06 16.23 17.60
CA ASN B 296 -0.98 14.90 18.22
C ASN B 296 0.40 14.58 18.76
N GLY B 297 1.30 15.57 18.84
CA GLY B 297 2.64 15.33 19.31
C GLY B 297 3.59 14.73 18.30
N ARG B 298 3.21 14.70 17.02
CA ARG B 298 4.06 14.20 15.95
C ARG B 298 4.55 15.41 15.16
N MET B 299 5.80 15.81 15.41
CA MET B 299 6.40 16.99 14.80
C MET B 299 5.57 18.25 15.08
N GLN B 300 4.94 18.31 16.25
CA GLN B 300 4.11 19.45 16.62
C GLN B 300 4.99 20.62 17.05
N TYR B 301 4.61 21.82 16.61
CA TYR B 301 5.40 23.02 16.81
C TYR B 301 4.76 23.93 17.85
N PHE B 302 5.61 24.64 18.58
CA PHE B 302 5.17 25.61 19.59
C PHE B 302 6.01 26.87 19.45
N LYS B 303 5.42 28.00 19.83
CA LYS B 303 6.15 29.27 19.83
C LYS B 303 5.46 30.25 20.77
N LYS B 304 6.26 30.86 21.64
CA LYS B 304 5.78 31.93 22.53
C LYS B 304 6.88 32.98 22.59
N GLU B 305 6.61 34.14 21.99
CA GLU B 305 7.62 35.20 21.81
C GLU B 305 8.75 34.60 20.97
N ARG B 306 10.01 34.70 21.40
CA ARG B 306 11.11 34.14 20.64
C ARG B 306 11.47 32.72 21.07
N LYS B 307 10.69 32.13 21.98
CA LYS B 307 10.93 30.76 22.44
C LYS B 307 10.27 29.78 21.49
N GLU B 308 11.05 28.83 20.99
CA GLU B 308 10.57 27.81 20.07
C GLU B 308 10.74 26.43 20.68
N ALA B 309 9.78 25.55 20.42
CA ALA B 309 9.80 24.20 20.96
C ALA B 309 9.08 23.26 20.00
N MET B 310 9.37 21.97 20.13
CA MET B 310 8.71 20.95 19.33
C MET B 310 8.76 19.62 20.06
N ILE B 311 7.79 18.77 19.78
CA ILE B 311 7.65 17.47 20.41
C ILE B 311 7.48 16.41 19.33
N ASN B 312 8.13 15.27 19.51
CA ASN B 312 8.05 14.18 18.54
C ASN B 312 8.24 12.86 19.27
N LEU B 313 7.28 11.96 19.13
CA LEU B 313 7.31 10.70 19.88
C LEU B 313 8.39 9.78 19.35
N ALA B 314 9.02 9.04 20.27
CA ALA B 314 10.00 8.01 19.92
C ALA B 314 9.90 6.88 20.94
N LYS B 315 9.64 5.67 20.45
CA LYS B 315 9.49 4.50 21.33
C LYS B 315 10.38 3.34 20.92
N ASN B 316 11.30 3.54 20.00
CA ASN B 316 12.17 2.47 19.53
C ASN B 316 13.46 3.10 18.99
N PRO B 317 14.51 2.31 18.78
CA PRO B 317 15.77 2.88 18.26
C PRO B 317 15.60 3.66 16.96
N ALA B 318 14.74 3.19 16.06
CA ALA B 318 14.54 3.88 14.79
C ALA B 318 13.91 5.26 15.00
N GLY B 319 12.82 5.30 15.77
CA GLY B 319 12.18 6.59 16.05
C GLY B 319 13.05 7.51 16.87
N MET B 320 13.89 6.94 17.74
CA MET B 320 14.78 7.77 18.55
C MET B 320 15.84 8.45 17.70
N ASN B 321 16.48 7.69 16.82
CA ASN B 321 17.47 8.26 15.92
C ASN B 321 16.87 9.33 15.02
N ALA B 322 15.58 9.20 14.68
CA ALA B 322 14.93 10.21 13.86
C ALA B 322 14.71 11.50 14.63
N SER B 323 14.29 11.40 15.90
CA SER B 323 14.05 12.59 16.70
C SER B 323 15.34 13.31 17.05
N LEU B 324 16.43 12.56 17.25
CA LEU B 324 17.72 13.20 17.52
C LEU B 324 18.26 13.91 16.29
N SER B 325 17.99 13.39 15.10
CA SER B 325 18.45 14.03 13.87
C SER B 325 17.69 15.31 13.56
N VAL B 326 16.54 15.53 14.20
CA VAL B 326 15.82 16.78 13.98
C VAL B 326 16.55 17.95 14.64
N GLY B 327 17.25 17.70 15.74
CA GLY B 327 17.92 18.79 16.44
C GLY B 327 19.06 19.39 15.64
N GLU B 328 19.83 18.55 14.93
CA GLU B 328 20.94 19.07 14.13
C GLU B 328 20.45 19.89 12.95
N GLN B 329 19.22 19.67 12.49
CA GLN B 329 18.62 20.47 11.42
C GLN B 329 18.06 21.78 11.93
N LEU B 330 18.08 22.01 13.24
CA LEU B 330 17.55 23.22 13.83
C LEU B 330 18.64 24.26 14.01
N GLU B 331 18.25 25.53 13.95
CA GLU B 331 19.18 26.65 14.04
C GLU B 331 19.40 27.03 15.50
N GLY B 332 20.65 27.39 15.82
CA GLY B 332 20.97 27.85 17.14
C GLY B 332 21.16 26.72 18.14
N GLU B 333 21.22 27.12 19.41
CA GLU B 333 21.40 26.15 20.49
C GLU B 333 20.10 25.40 20.75
N LYS B 334 20.23 24.18 21.26
CA LYS B 334 19.10 23.33 21.56
C LYS B 334 19.11 22.90 23.02
N VAL B 335 17.93 22.58 23.54
CA VAL B 335 17.77 21.99 24.86
C VAL B 335 16.79 20.84 24.73
N TYR B 336 17.18 19.67 25.25
CA TYR B 336 16.43 18.45 25.04
C TYR B 336 15.67 18.04 26.30
N VAL B 337 14.52 17.40 26.09
CA VAL B 337 13.79 16.71 27.14
C VAL B 337 13.46 15.32 26.62
N ILE B 338 14.07 14.30 27.22
CA ILE B 338 13.86 12.91 26.83
C ILE B 338 13.16 12.20 27.99
N SER B 339 12.03 11.57 27.69
CA SER B 339 11.25 10.86 28.69
C SER B 339 11.27 9.36 28.40
N LEU B 340 11.40 8.57 29.45
CA LEU B 340 11.51 7.11 29.33
C LEU B 340 10.71 6.47 30.46
N ASN B 341 9.46 6.11 30.16
CA ASN B 341 8.64 5.36 31.09
C ASN B 341 8.78 3.87 30.82
N ASP B 342 8.45 3.06 31.83
CA ASP B 342 8.50 1.61 31.72
C ASP B 342 7.14 0.98 32.01
N ASN B 343 6.06 1.67 31.64
CA ASN B 343 4.71 1.17 31.87
C ASN B 343 4.42 0.00 30.93
N ALA B 344 3.23 -0.58 31.09
CA ALA B 344 2.86 -1.76 30.31
C ALA B 344 2.84 -1.45 28.82
N ALA B 345 2.29 -0.30 28.43
CA ALA B 345 2.21 0.06 27.02
C ALA B 345 3.59 0.32 26.42
N ASP B 346 4.58 0.68 27.23
CA ASP B 346 5.93 0.91 26.74
C ASP B 346 6.82 -0.33 26.83
N GLY B 347 6.45 -1.30 27.65
CA GLY B 347 7.34 -2.42 27.93
C GLY B 347 8.26 -2.12 29.09
N ARG B 348 8.57 -3.18 29.84
CA ARG B 348 9.39 -3.05 31.04
C ARG B 348 10.88 -3.10 30.74
N ASP B 349 11.27 -3.43 29.51
CA ASP B 349 12.66 -3.57 29.11
C ASP B 349 13.10 -2.28 28.41
N THR B 350 14.02 -1.55 29.04
CA THR B 350 14.57 -0.34 28.47
C THR B 350 15.86 -0.60 27.68
N SER B 351 16.09 -1.84 27.27
CA SER B 351 17.35 -2.21 26.60
C SER B 351 17.51 -1.47 25.29
N TRP B 352 16.41 -1.09 24.64
CA TRP B 352 16.48 -0.53 23.29
C TRP B 352 17.17 0.83 23.25
N ILE B 353 17.32 1.50 24.40
CA ILE B 353 17.98 2.80 24.39
C ILE B 353 19.47 2.69 24.11
N TYR B 354 20.05 1.50 24.34
CA TYR B 354 21.45 1.27 24.01
C TYR B 354 21.66 0.85 22.56
N ASP B 355 20.58 0.59 21.83
CA ASP B 355 20.66 0.39 20.39
C ASP B 355 20.49 1.68 19.61
N ALA B 356 19.89 2.70 20.21
CA ALA B 356 19.80 4.01 19.58
C ALA B 356 21.16 4.70 19.59
N ASP B 357 21.30 5.72 18.73
CA ASP B 357 22.56 6.42 18.55
C ASP B 357 22.51 7.74 19.33
N PHE B 358 22.76 7.63 20.64
CA PHE B 358 22.86 8.82 21.48
C PHE B 358 24.20 9.53 21.35
N GLU B 359 25.22 8.87 20.82
CA GLU B 359 26.53 9.48 20.68
C GLU B 359 26.54 10.61 19.65
N LYS B 360 25.54 10.67 18.77
CA LYS B 360 25.48 11.73 17.78
C LYS B 360 25.15 13.09 18.38
N LEU B 361 24.67 13.13 19.61
CA LEU B 361 24.33 14.40 20.25
C LEU B 361 25.55 15.25 20.55
N SER B 362 26.75 14.66 20.54
CA SER B 362 27.98 15.43 20.74
C SER B 362 28.27 16.37 19.58
N LYS B 363 27.64 16.15 18.43
CA LYS B 363 27.83 16.99 17.25
C LYS B 363 26.95 18.23 17.26
N GLN B 364 26.10 18.40 18.28
CA GLN B 364 25.16 19.50 18.33
C GLN B 364 25.48 20.41 19.52
N GLN B 365 25.14 21.69 19.37
CA GLN B 365 25.29 22.65 20.46
C GLN B 365 24.07 22.51 21.37
N ILE B 366 24.29 22.05 22.59
CA ILE B 366 23.21 21.76 23.53
C ILE B 366 23.52 22.45 24.85
N GLU B 367 22.59 23.27 25.32
CA GLU B 367 22.75 23.90 26.64
C GLU B 367 22.69 22.85 27.74
N ALA B 368 21.63 22.05 27.76
CA ALA B 368 21.46 21.01 28.77
C ALA B 368 20.47 19.98 28.24
N ILE B 369 20.52 18.79 28.84
CA ILE B 369 19.61 17.70 28.52
C ILE B 369 18.86 17.34 29.79
N ILE B 370 17.54 17.49 29.76
CA ILE B 370 16.69 17.16 30.89
C ILE B 370 16.06 15.80 30.62
N VAL B 371 16.37 14.82 31.45
CA VAL B 371 15.80 13.48 31.34
C VAL B 371 14.67 13.36 32.36
N THR B 372 13.59 12.68 31.97
CA THR B 372 12.42 12.56 32.81
C THR B 372 11.78 11.19 32.59
N GLY B 373 10.68 10.95 33.30
CA GLY B 373 10.00 9.67 33.27
C GLY B 373 10.35 8.81 34.46
N THR B 374 9.70 7.65 34.51
CA THR B 374 9.92 6.73 35.61
C THR B 374 11.29 6.07 35.54
N ARG B 375 11.94 6.09 34.38
CA ARG B 375 13.28 5.53 34.20
C ARG B 375 14.26 6.60 33.73
N ALA B 376 14.15 7.80 34.30
CA ALA B 376 15.00 8.90 33.89
C ALA B 376 16.48 8.59 34.13
N GLU B 377 16.79 7.90 35.22
CA GLU B 377 18.16 7.56 35.53
C GLU B 377 18.77 6.60 34.51
N GLU B 378 17.94 5.83 33.80
CA GLU B 378 18.45 5.00 32.72
C GLU B 378 18.97 5.85 31.57
N LEU B 379 18.29 6.97 31.27
CA LEU B 379 18.75 7.85 30.22
C LEU B 379 20.05 8.55 30.60
N GLN B 380 20.16 8.99 31.87
CA GLN B 380 21.38 9.65 32.31
C GLN B 380 22.59 8.72 32.20
N LEU B 381 22.41 7.45 32.57
CA LEU B 381 23.50 6.48 32.42
C LEU B 381 23.79 6.20 30.95
N ARG B 382 22.75 6.19 30.11
CA ARG B 382 22.96 6.01 28.68
C ARG B 382 23.76 7.15 28.10
N LEU B 383 23.44 8.39 28.49
CA LEU B 383 24.18 9.54 27.99
C LEU B 383 25.60 9.57 28.52
N LYS B 384 25.82 9.09 29.76
CA LYS B 384 27.18 9.01 30.29
C LYS B 384 28.02 8.04 29.48
N LEU B 385 27.46 6.87 29.16
CA LEU B 385 28.17 5.92 28.32
C LEU B 385 28.25 6.39 26.86
N ALA B 386 27.38 7.30 26.45
CA ALA B 386 27.45 7.90 25.13
C ALA B 386 28.45 9.06 25.07
N GLU B 387 29.07 9.40 26.19
CA GLU B 387 30.06 10.48 26.26
C GLU B 387 29.48 11.81 25.81
N VAL B 388 28.21 12.05 26.14
CA VAL B 388 27.56 13.32 25.87
C VAL B 388 27.87 14.23 27.06
N GLU B 389 28.85 15.11 26.88
CA GLU B 389 29.40 15.92 27.98
C GLU B 389 28.69 17.27 28.05
N VAL B 390 27.41 17.20 28.40
CA VAL B 390 26.58 18.40 28.58
C VAL B 390 25.87 18.29 29.92
N PRO B 391 25.43 19.42 30.48
CA PRO B 391 24.69 19.37 31.75
C PRO B 391 23.43 18.53 31.63
N ILE B 392 23.30 17.56 32.53
CA ILE B 392 22.16 16.65 32.57
C ILE B 392 21.41 16.87 33.88
N ILE B 393 20.09 17.02 33.79
CA ILE B 393 19.23 17.25 34.95
C ILE B 393 18.22 16.12 35.01
N VAL B 394 18.10 15.50 36.19
CA VAL B 394 17.20 14.38 36.40
C VAL B 394 15.98 14.87 37.17
N GLU B 395 14.81 14.80 36.54
CA GLU B 395 13.54 15.14 37.18
C GLU B 395 12.51 14.11 36.75
N ARG B 396 12.16 13.19 37.65
CA ARG B 396 11.31 12.07 37.28
C ARG B 396 9.90 12.52 36.89
N ASP B 397 9.43 13.65 37.42
CA ASP B 397 8.10 14.13 37.08
C ASP B 397 8.08 14.71 35.67
N ILE B 398 7.15 14.21 34.85
CA ILE B 398 7.09 14.64 33.45
C ILE B 398 6.59 16.08 33.34
N TYR B 399 5.65 16.46 34.21
CA TYR B 399 5.10 17.81 34.15
C TYR B 399 6.13 18.85 34.56
N LYS B 400 6.82 18.62 35.67
CA LYS B 400 7.80 19.61 36.15
C LYS B 400 9.01 19.70 35.24
N ALA B 401 9.40 18.58 34.61
CA ALA B 401 10.57 18.61 33.73
C ALA B 401 10.25 19.31 32.41
N THR B 402 9.02 19.17 31.91
CA THR B 402 8.65 19.83 30.67
C THR B 402 8.61 21.35 30.83
N ALA B 403 8.03 21.83 31.93
CA ALA B 403 8.00 23.26 32.19
C ALA B 403 9.39 23.83 32.47
N LYS B 404 10.38 22.98 32.73
CA LYS B 404 11.73 23.45 33.02
C LYS B 404 12.43 24.02 31.79
N THR B 405 11.96 23.69 30.59
CA THR B 405 12.59 24.18 29.38
C THR B 405 12.30 25.65 29.09
N MET B 406 11.22 26.20 29.66
CA MET B 406 10.92 27.61 29.47
C MET B 406 11.97 28.50 30.11
N ASP B 407 12.80 27.95 31.01
CA ASP B 407 13.88 28.71 31.61
C ASP B 407 15.07 28.89 30.70
N TYR B 408 15.16 28.10 29.62
CA TYR B 408 16.26 28.20 28.67
C TYR B 408 15.81 28.95 27.42
N LYS B 409 16.77 29.58 26.76
CA LYS B 409 16.50 30.37 25.56
C LYS B 409 16.67 29.59 24.27
N GLY B 410 17.20 28.37 24.34
CA GLY B 410 17.42 27.57 23.15
C GLY B 410 16.16 26.89 22.65
N PHE B 411 16.31 26.17 21.54
CA PHE B 411 15.20 25.46 20.92
C PHE B 411 14.95 24.16 21.67
N THR B 412 13.76 24.01 22.22
CA THR B 412 13.42 22.82 22.99
C THR B 412 13.04 21.67 22.07
N VAL B 413 13.65 20.51 22.30
CA VAL B 413 13.34 19.29 21.57
C VAL B 413 12.80 18.27 22.57
N ALA B 414 11.53 17.94 22.45
CA ALA B 414 10.86 17.03 23.38
C ALA B 414 10.74 15.66 22.74
N ILE B 415 11.27 14.63 23.42
CA ILE B 415 11.27 13.27 22.91
C ILE B 415 10.70 12.33 23.96
N PRO B 416 9.38 12.08 23.98
CA PRO B 416 8.83 11.12 24.92
C PRO B 416 8.55 9.77 24.28
N ASN B 417 8.40 8.72 25.09
CA ASN B 417 7.85 7.47 24.63
C ASN B 417 6.33 7.57 24.72
N TYR B 418 5.63 6.44 24.56
CA TYR B 418 4.18 6.49 24.40
C TYR B 418 3.48 7.07 25.63
N THR B 419 3.59 6.36 26.76
CA THR B 419 2.87 6.79 27.96
C THR B 419 3.35 8.14 28.49
N SER B 420 4.46 8.66 28.00
CA SER B 420 4.92 9.99 28.35
C SER B 420 4.40 11.07 27.40
N LEU B 421 3.80 10.68 26.27
CA LEU B 421 3.33 11.68 25.31
C LEU B 421 2.15 12.47 25.87
N ALA B 422 1.19 11.79 26.49
CA ALA B 422 0.01 12.48 26.99
C ALA B 422 0.33 13.53 28.05
N PRO B 423 1.12 13.24 29.10
CA PRO B 423 1.42 14.30 30.07
C PRO B 423 2.34 15.37 29.54
N MET B 424 3.29 15.02 28.67
CA MET B 424 4.22 16.01 28.14
C MET B 424 3.50 16.97 27.19
N LEU B 425 2.59 16.46 26.37
CA LEU B 425 1.86 17.33 25.45
C LEU B 425 0.91 18.25 26.20
N GLU B 426 0.31 17.76 27.29
CA GLU B 426 -0.60 18.59 28.09
C GLU B 426 0.15 19.76 28.72
N GLN B 427 1.37 19.52 29.21
CA GLN B 427 2.13 20.56 29.87
C GLN B 427 2.58 21.64 28.89
N LEU B 428 2.95 21.23 27.67
CA LEU B 428 3.39 22.20 26.66
C LEU B 428 2.25 23.11 26.20
N ASN B 429 1.06 22.56 26.03
CA ASN B 429 -0.07 23.36 25.56
C ASN B 429 -0.43 24.47 26.54
N ARG B 430 -0.30 24.22 27.84
CA ARG B 430 -0.59 25.27 28.81
C ARG B 430 0.56 26.27 28.91
N SER B 431 1.80 25.79 28.80
CA SER B 431 2.96 26.67 28.89
C SER B 431 3.16 27.52 27.63
N PHE B 432 2.46 27.20 26.55
CA PHE B 432 2.55 27.91 25.28
C PHE B 432 1.18 28.47 24.93
N GLU B 433 1.01 29.77 25.09
CA GLU B 433 -0.25 30.46 24.79
C GLU B 433 0.02 31.52 23.73
N GLY B 434 -0.39 31.23 22.50
CA GLY B 434 -0.18 32.14 21.38
C GLY B 434 -0.61 31.54 20.05
N MET C 1 1.51 -26.34 -49.20
CA MET C 1 0.49 -25.31 -49.05
C MET C 1 1.05 -23.94 -49.38
N HIS C 2 0.23 -23.08 -49.97
CA HIS C 2 0.66 -21.73 -50.28
C HIS C 2 0.99 -20.96 -49.00
N GLU C 3 2.07 -20.20 -49.05
CA GLU C 3 2.56 -19.48 -47.88
C GLU C 3 2.94 -18.05 -48.26
N LEU C 4 2.54 -17.11 -47.41
CA LEU C 4 2.92 -15.70 -47.53
C LEU C 4 3.59 -15.28 -46.24
N THR C 5 4.72 -14.59 -46.37
CA THR C 5 5.53 -14.17 -45.23
C THR C 5 5.34 -12.68 -44.98
N ILE C 6 4.99 -12.32 -43.75
CA ILE C 6 4.80 -10.93 -43.35
C ILE C 6 5.95 -10.54 -42.43
N TYR C 7 6.63 -9.44 -42.76
CA TYR C 7 7.71 -8.91 -41.93
C TYR C 7 7.13 -7.85 -41.02
N HIS C 8 6.92 -8.21 -39.75
CA HIS C 8 6.43 -7.27 -38.74
C HIS C 8 7.64 -6.57 -38.12
N PHE C 9 7.85 -5.32 -38.50
CA PHE C 9 9.01 -4.58 -38.04
C PHE C 9 8.75 -3.96 -36.67
N MET C 10 9.74 -4.09 -35.78
CA MET C 10 9.68 -3.53 -34.43
C MET C 10 8.45 -4.03 -33.68
N SER C 11 8.26 -5.35 -33.67
CA SER C 11 7.14 -5.90 -32.91
C SER C 11 7.31 -5.63 -31.43
N ASP C 12 8.55 -5.63 -30.94
CA ASP C 12 8.82 -5.43 -29.53
C ASP C 12 8.71 -3.94 -29.20
N LYS C 13 7.64 -3.58 -28.50
CA LYS C 13 7.32 -2.21 -28.05
C LYS C 13 7.32 -1.20 -29.21
N LEU C 14 6.36 -1.43 -30.10
CA LEU C 14 5.85 -0.47 -31.07
C LEU C 14 4.37 -0.79 -31.24
N ASN C 15 3.80 -1.45 -30.25
CA ASN C 15 2.45 -2.00 -30.30
C ASN C 15 1.52 -1.16 -29.43
N LEU C 16 1.22 0.05 -29.89
CA LEU C 16 0.18 0.80 -29.20
C LEU C 16 -1.20 0.57 -29.81
N TYR C 17 -1.27 0.60 -31.15
CA TYR C 17 -2.54 0.51 -31.87
C TYR C 17 -2.87 -0.96 -32.09
N SER C 18 -2.98 -1.70 -30.98
CA SER C 18 -3.21 -3.15 -30.97
C SER C 18 -2.28 -3.86 -31.95
N ASP C 19 -2.46 -3.61 -33.25
CA ASP C 19 -1.60 -4.13 -34.31
C ASP C 19 -1.66 -5.65 -34.49
N ILE C 20 -2.10 -6.40 -33.47
CA ILE C 20 -2.24 -7.83 -33.66
C ILE C 20 -3.51 -8.13 -34.44
N GLY C 21 -4.50 -7.25 -34.36
CA GLY C 21 -5.70 -7.40 -35.16
C GLY C 21 -5.44 -7.29 -36.65
N ASN C 22 -4.47 -6.43 -37.02
CA ASN C 22 -4.07 -6.37 -38.43
C ASN C 22 -3.42 -7.68 -38.86
N ILE C 23 -2.61 -8.26 -37.99
CA ILE C 23 -2.02 -9.58 -38.29
C ILE C 23 -3.12 -10.64 -38.31
N ILE C 24 -4.03 -10.59 -37.33
CA ILE C 24 -5.13 -11.55 -37.28
C ILE C 24 -6.00 -11.44 -38.52
N ALA C 25 -6.32 -10.22 -38.92
CA ALA C 25 -7.18 -10.03 -40.10
C ALA C 25 -6.50 -10.52 -41.36
N LEU C 26 -5.20 -10.25 -41.51
CA LEU C 26 -4.47 -10.73 -42.68
C LEU C 26 -4.41 -12.26 -42.71
N ARG C 27 -4.24 -12.88 -41.55
CA ARG C 27 -4.12 -14.34 -41.51
C ARG C 27 -5.46 -15.02 -41.75
N GLN C 28 -6.55 -14.42 -41.27
CA GLN C 28 -7.86 -15.03 -41.44
C GLN C 28 -8.35 -14.93 -42.87
N ARG C 29 -8.22 -13.74 -43.48
CA ARG C 29 -8.65 -13.57 -44.86
C ARG C 29 -7.82 -14.43 -45.80
N ALA C 30 -6.52 -14.59 -45.52
CA ALA C 30 -5.68 -15.48 -46.33
C ALA C 30 -6.01 -16.94 -46.06
N LYS C 31 -6.42 -17.27 -44.83
CA LYS C 31 -6.81 -18.65 -44.53
C LYS C 31 -8.05 -19.04 -45.31
N LYS C 32 -8.99 -18.11 -45.48
CA LYS C 32 -10.16 -18.37 -46.31
C LYS C 32 -9.79 -18.61 -47.76
N ARG C 33 -8.61 -18.14 -48.19
CA ARG C 33 -8.11 -18.37 -49.54
C ARG C 33 -7.08 -19.49 -49.58
N ASN C 34 -7.01 -20.31 -48.51
CA ASN C 34 -6.06 -21.41 -48.41
C ASN C 34 -4.61 -20.92 -48.54
N ILE C 35 -4.28 -19.92 -47.74
CA ILE C 35 -2.95 -19.33 -47.71
C ILE C 35 -2.50 -19.27 -46.25
N LYS C 36 -1.43 -19.99 -45.94
CA LYS C 36 -0.86 -19.95 -44.60
C LYS C 36 0.07 -18.76 -44.47
N VAL C 37 -0.16 -17.93 -43.45
CA VAL C 37 0.62 -16.72 -43.24
C VAL C 37 1.68 -16.99 -42.18
N ASN C 38 2.93 -16.74 -42.53
CA ASN C 38 4.06 -16.85 -41.60
C ASN C 38 4.51 -15.44 -41.24
N VAL C 39 4.33 -15.07 -39.97
CA VAL C 39 4.70 -13.74 -39.50
C VAL C 39 6.10 -13.81 -38.92
N VAL C 40 7.02 -13.03 -39.48
CA VAL C 40 8.41 -13.00 -39.04
C VAL C 40 8.63 -11.67 -38.34
N GLU C 41 8.67 -11.69 -37.01
CA GLU C 41 8.94 -10.48 -36.24
C GLU C 41 10.42 -10.13 -36.37
N ILE C 42 10.70 -8.88 -36.72
CA ILE C 42 12.06 -8.42 -36.97
C ILE C 42 12.34 -7.23 -36.08
N ASN C 43 13.35 -7.37 -35.22
CA ASN C 43 13.85 -6.29 -34.38
C ASN C 43 15.32 -5.98 -34.60
N GLU C 44 16.04 -6.81 -35.35
CA GLU C 44 17.45 -6.62 -35.65
C GLU C 44 17.58 -6.33 -37.14
N THR C 45 17.74 -5.06 -37.48
CA THR C 45 17.77 -4.64 -38.88
C THR C 45 19.20 -4.53 -39.38
N GLU C 46 19.95 -5.61 -39.20
CA GLU C 46 21.34 -5.68 -39.66
C GLU C 46 21.52 -6.94 -40.51
N GLY C 47 21.80 -6.76 -41.79
CA GLY C 47 21.98 -7.87 -42.71
C GLY C 47 20.72 -8.56 -43.17
N ILE C 48 19.54 -8.03 -42.86
CA ILE C 48 18.28 -8.65 -43.27
C ILE C 48 17.94 -8.21 -44.69
N THR C 49 17.64 -9.17 -45.54
CA THR C 49 17.26 -8.91 -46.92
C THR C 49 15.74 -8.95 -47.07
N PHE C 50 15.27 -8.61 -48.27
CA PHE C 50 13.84 -8.62 -48.58
C PHE C 50 13.47 -9.71 -49.58
N ASP C 51 14.28 -10.78 -49.66
CA ASP C 51 14.01 -11.84 -50.62
C ASP C 51 12.78 -12.64 -50.24
N GLU C 52 12.75 -13.16 -49.00
CA GLU C 52 11.64 -13.98 -48.53
C GLU C 52 10.47 -13.15 -48.00
N CYS C 53 10.46 -11.84 -48.24
CA CYS C 53 9.41 -10.97 -47.75
C CYS C 53 8.33 -10.79 -48.83
N ASP C 54 7.08 -11.01 -48.44
CA ASP C 54 5.95 -10.75 -49.32
C ASP C 54 5.19 -9.49 -48.93
N ILE C 55 4.98 -9.28 -47.63
CA ILE C 55 4.36 -8.07 -47.11
C ILE C 55 5.14 -7.64 -45.88
N PHE C 56 5.21 -6.33 -45.64
CA PHE C 56 5.83 -5.80 -44.44
C PHE C 56 4.84 -4.89 -43.72
N PHE C 57 4.97 -4.83 -42.40
CA PHE C 57 4.09 -4.04 -41.56
C PHE C 57 4.93 -3.27 -40.56
N ILE C 58 4.61 -1.99 -40.38
CA ILE C 58 5.32 -1.11 -39.47
C ILE C 58 4.26 -0.37 -38.64
N GLY C 59 4.12 -0.76 -37.38
CA GLY C 59 3.17 -0.13 -36.48
C GLY C 59 3.65 1.23 -36.02
N GLY C 60 2.89 1.79 -35.08
CA GLY C 60 3.19 3.09 -34.52
C GLY C 60 3.29 3.05 -33.02
N GLY C 61 4.05 3.99 -32.48
CA GLY C 61 4.22 4.09 -31.04
C GLY C 61 4.40 5.52 -30.59
N SER C 62 4.89 5.72 -29.36
CA SER C 62 5.10 7.06 -28.84
C SER C 62 6.21 7.77 -29.63
N ASP C 63 6.26 9.09 -29.47
CA ASP C 63 7.25 9.88 -30.20
C ASP C 63 8.67 9.45 -29.86
N ARG C 64 8.90 8.97 -28.65
CA ARG C 64 10.22 8.47 -28.29
C ARG C 64 10.52 7.15 -28.97
N GLU C 65 9.54 6.25 -29.01
CA GLU C 65 9.76 4.93 -29.61
C GLU C 65 9.87 5.02 -31.12
N GLN C 66 9.21 6.00 -31.74
CA GLN C 66 9.30 6.16 -33.19
C GLN C 66 10.71 6.59 -33.60
N ALA C 67 11.34 7.46 -32.81
CA ALA C 67 12.71 7.88 -33.11
C ALA C 67 13.68 6.72 -32.94
N LEU C 68 13.44 5.86 -31.94
CA LEU C 68 14.30 4.70 -31.75
C LEU C 68 14.11 3.69 -32.88
N ALA C 69 12.87 3.53 -33.36
CA ALA C 69 12.63 2.63 -34.49
C ALA C 69 13.16 3.22 -35.79
N THR C 70 13.17 4.55 -35.92
CA THR C 70 13.70 5.19 -37.12
C THR C 70 15.21 4.97 -37.23
N LYS C 71 15.92 5.04 -36.10
CA LYS C 71 17.35 4.81 -36.12
C LYS C 71 17.68 3.38 -36.50
N GLU C 72 16.90 2.42 -35.99
CA GLU C 72 17.15 1.01 -36.30
C GLU C 72 16.75 0.69 -37.74
N LEU C 73 15.63 1.26 -38.21
CA LEU C 73 15.22 1.03 -39.59
C LEU C 73 16.12 1.73 -40.60
N SER C 74 16.86 2.77 -40.18
CA SER C 74 17.77 3.45 -41.08
C SER C 74 18.93 2.57 -41.52
N LYS C 75 19.19 1.48 -40.79
CA LYS C 75 20.27 0.56 -41.16
C LYS C 75 19.97 -0.18 -42.46
N ILE C 76 18.71 -0.17 -42.91
CA ILE C 76 18.33 -0.77 -44.18
C ILE C 76 17.39 0.17 -44.92
N LYS C 77 17.70 1.48 -44.86
CA LYS C 77 16.82 2.47 -45.46
C LYS C 77 16.80 2.37 -46.98
N THR C 78 17.92 1.95 -47.59
CA THR C 78 18.00 1.87 -49.05
C THR C 78 17.38 0.58 -49.58
N PRO C 79 17.70 -0.60 -49.04
CA PRO C 79 17.04 -1.81 -49.55
C PRO C 79 15.55 -1.84 -49.30
N LEU C 80 15.07 -1.11 -48.29
CA LEU C 80 13.63 -0.99 -48.08
C LEU C 80 13.01 -0.11 -49.16
N LYS C 81 13.68 0.99 -49.53
CA LYS C 81 13.15 1.86 -50.57
C LYS C 81 13.10 1.16 -51.92
N GLU C 82 14.15 0.40 -52.25
CA GLU C 82 14.16 -0.33 -53.51
C GLU C 82 13.07 -1.40 -53.56
N ALA C 83 12.76 -2.00 -52.40
CA ALA C 83 11.66 -2.95 -52.36
C ALA C 83 10.32 -2.26 -52.61
N ILE C 84 10.11 -1.09 -51.98
CA ILE C 84 8.86 -0.36 -52.19
C ILE C 84 8.76 0.14 -53.62
N GLU C 85 9.86 0.65 -54.17
CA GLU C 85 9.85 1.10 -55.56
C GLU C 85 9.61 -0.06 -56.52
N ASP C 86 10.00 -1.27 -56.12
CA ASP C 86 9.76 -2.46 -56.91
C ASP C 86 8.32 -2.95 -56.80
N GLY C 87 7.55 -2.45 -55.83
CA GLY C 87 6.17 -2.85 -55.68
C GLY C 87 5.89 -3.73 -54.49
N MET C 88 6.71 -3.65 -53.46
CA MET C 88 6.50 -4.46 -52.26
C MET C 88 5.25 -3.97 -51.53
N PRO C 89 4.28 -4.84 -51.25
CA PRO C 89 3.12 -4.41 -50.46
C PRO C 89 3.51 -4.13 -49.01
N GLY C 90 2.83 -3.17 -48.42
CA GLY C 90 3.12 -2.80 -47.05
C GLY C 90 2.06 -1.93 -46.41
N LEU C 91 1.88 -2.07 -45.09
CA LEU C 91 0.92 -1.29 -44.33
C LEU C 91 1.62 -0.66 -43.14
N THR C 92 1.45 0.65 -42.98
CA THR C 92 2.05 1.39 -41.86
C THR C 92 0.95 2.18 -41.16
N ILE C 93 1.02 2.24 -39.84
CA ILE C 93 -0.01 2.85 -39.00
C ILE C 93 0.60 4.01 -38.25
N CYS C 94 0.00 5.20 -38.39
CA CYS C 94 0.33 6.38 -37.60
C CYS C 94 1.83 6.71 -37.63
N GLY C 95 2.52 6.44 -36.51
CA GLY C 95 3.93 6.78 -36.42
C GLY C 95 4.77 6.12 -37.50
N GLY C 96 4.47 4.86 -37.82
CA GLY C 96 5.16 4.20 -38.92
C GLY C 96 4.86 4.87 -40.25
N TYR C 97 3.68 5.47 -40.38
CA TYR C 97 3.33 6.20 -41.59
C TYR C 97 3.92 7.61 -41.58
N GLN C 98 3.97 8.25 -40.41
CA GLN C 98 4.50 9.61 -40.34
C GLN C 98 6.00 9.63 -40.56
N PHE C 99 6.71 8.63 -40.02
CA PHE C 99 8.16 8.58 -40.08
C PHE C 99 8.68 7.92 -41.35
N LEU C 100 7.94 8.05 -42.45
CA LEU C 100 8.43 7.69 -43.78
C LEU C 100 8.91 8.89 -44.57
N GLY C 101 8.56 10.09 -44.14
CA GLY C 101 8.97 11.32 -44.79
C GLY C 101 10.27 11.86 -44.23
N LYS C 102 10.45 13.17 -44.40
CA LYS C 102 11.72 13.80 -44.03
C LYS C 102 11.80 14.06 -42.52
N LYS C 103 10.75 14.65 -41.94
CA LYS C 103 10.82 15.08 -40.56
C LYS C 103 9.42 15.09 -39.94
N TYR C 104 9.40 15.17 -38.61
CA TYR C 104 8.17 15.25 -37.83
C TYR C 104 8.34 16.38 -36.82
N ILE C 105 7.51 17.41 -36.95
CA ILE C 105 7.61 18.61 -36.12
C ILE C 105 6.62 18.48 -34.97
N THR C 106 7.13 18.43 -33.75
CA THR C 106 6.31 18.40 -32.56
C THR C 106 5.68 19.78 -32.33
N PRO C 107 4.66 19.87 -31.48
CA PRO C 107 4.06 21.18 -31.21
C PRO C 107 5.04 22.23 -30.71
N ASP C 108 6.17 21.82 -30.13
CA ASP C 108 7.18 22.76 -29.64
C ASP C 108 8.25 23.07 -30.69
N GLY C 109 8.07 22.59 -31.93
CA GLY C 109 9.01 22.88 -33.00
C GLY C 109 10.21 21.96 -33.09
N THR C 110 10.28 20.93 -32.24
CA THR C 110 11.40 20.00 -32.30
C THR C 110 11.27 19.10 -33.52
N GLU C 111 12.27 19.14 -34.40
CA GLU C 111 12.26 18.35 -35.62
C GLU C 111 12.96 17.02 -35.37
N LEU C 112 12.27 15.92 -35.61
CA LEU C 112 12.83 14.58 -35.54
C LEU C 112 12.98 14.02 -36.95
N GLU C 113 14.19 13.65 -37.31
CA GLU C 113 14.46 13.19 -38.68
C GLU C 113 13.78 11.85 -38.93
N GLY C 114 13.14 11.74 -40.10
CA GLY C 114 12.47 10.53 -40.51
C GLY C 114 13.33 9.68 -41.44
N LEU C 115 12.72 8.60 -41.93
CA LEU C 115 13.43 7.68 -42.82
C LEU C 115 13.74 8.32 -44.17
N GLY C 116 12.86 9.20 -44.65
CA GLY C 116 13.08 9.85 -45.93
C GLY C 116 12.79 9.01 -47.15
N ILE C 117 11.97 7.97 -47.01
CA ILE C 117 11.60 7.14 -48.16
C ILE C 117 10.78 7.95 -49.16
N LEU C 118 9.94 8.86 -48.66
CA LEU C 118 9.12 9.72 -49.50
C LEU C 118 9.30 11.17 -49.08
N ASP C 119 9.00 12.08 -50.01
CA ASP C 119 9.20 13.51 -49.80
C ASP C 119 7.91 14.11 -49.25
N PHE C 120 7.79 14.11 -47.93
CA PHE C 120 6.69 14.80 -47.26
C PHE C 120 7.09 15.03 -45.81
N TYR C 121 6.36 15.93 -45.15
CA TYR C 121 6.63 16.31 -43.78
C TYR C 121 5.32 16.29 -42.98
N THR C 122 5.45 16.39 -41.66
CA THR C 122 4.31 16.38 -40.75
C THR C 122 4.48 17.49 -39.72
N GLU C 123 3.42 18.26 -39.50
CA GLU C 123 3.41 19.36 -38.55
C GLU C 123 2.31 19.11 -37.53
N SER C 124 2.69 19.02 -36.26
CA SER C 124 1.75 18.70 -35.19
C SER C 124 1.25 19.97 -34.50
N LYS C 125 0.01 19.92 -34.05
CA LYS C 125 -0.61 20.98 -33.26
C LYS C 125 -1.16 20.38 -31.97
N THR C 126 -1.61 21.27 -31.08
CA THR C 126 -2.16 20.81 -29.81
C THR C 126 -3.55 20.21 -30.00
N ASN C 127 -4.43 20.92 -30.72
CA ASN C 127 -5.77 20.41 -30.99
C ASN C 127 -5.69 19.23 -31.94
N ARG C 128 -6.22 18.09 -31.51
CA ARG C 128 -6.18 16.87 -32.29
C ARG C 128 -7.40 16.77 -33.20
N LEU C 129 -7.24 16.01 -34.29
CA LEU C 129 -8.34 15.67 -35.19
C LEU C 129 -8.90 14.34 -34.72
N THR C 130 -10.01 14.38 -33.98
CA THR C 130 -10.54 13.20 -33.32
C THR C 130 -12.00 13.01 -33.67
N GLY C 131 -12.37 11.77 -33.97
CA GLY C 131 -13.74 11.43 -34.26
C GLY C 131 -13.79 10.28 -35.26
N ASP C 132 -15.03 9.85 -35.53
CA ASP C 132 -15.24 8.83 -36.55
C ASP C 132 -14.95 9.40 -37.93
N ILE C 133 -14.38 8.58 -38.80
CA ILE C 133 -14.00 8.99 -40.15
C ILE C 133 -14.52 7.96 -41.15
N VAL C 134 -15.16 8.45 -42.22
CA VAL C 134 -15.68 7.61 -43.29
C VAL C 134 -15.02 8.05 -44.58
N ILE C 135 -14.49 7.09 -45.33
CA ILE C 135 -13.73 7.35 -46.55
C ILE C 135 -14.36 6.56 -47.69
N GLU C 136 -14.46 7.19 -48.86
CA GLU C 136 -14.95 6.56 -50.08
C GLU C 136 -13.78 6.44 -51.04
N SER C 137 -13.38 5.21 -51.34
CA SER C 137 -12.21 4.94 -52.16
C SER C 137 -12.59 4.15 -53.39
N ASP C 138 -11.80 4.32 -54.46
CA ASP C 138 -12.01 3.56 -55.68
C ASP C 138 -11.40 2.16 -55.57
N THR C 139 -10.24 2.05 -54.93
CA THR C 139 -9.55 0.78 -54.80
C THR C 139 -9.98 -0.01 -53.57
N PHE C 140 -10.19 0.67 -52.44
CA PHE C 140 -10.47 0.01 -51.17
C PHE C 140 -11.92 0.16 -50.74
N GLY C 141 -12.81 0.58 -51.63
CA GLY C 141 -14.21 0.74 -51.28
C GLY C 141 -14.40 1.74 -50.15
N THR C 142 -15.41 1.50 -49.34
CA THR C 142 -15.71 2.37 -48.20
C THR C 142 -14.83 1.99 -47.02
N ILE C 143 -13.98 2.93 -46.59
CA ILE C 143 -13.10 2.72 -45.44
C ILE C 143 -13.70 3.44 -44.24
N VAL C 144 -13.86 2.71 -43.14
CA VAL C 144 -14.48 3.22 -41.93
C VAL C 144 -13.52 3.00 -40.76
N GLY C 145 -13.47 3.96 -39.85
CA GLY C 145 -12.58 3.85 -38.70
C GLY C 145 -12.71 4.97 -37.70
N PHE C 146 -11.62 5.21 -36.95
CA PHE C 146 -11.59 6.23 -35.91
C PHE C 146 -10.21 6.87 -35.92
N GLU C 147 -10.18 8.20 -35.96
CA GLU C 147 -8.93 8.94 -36.03
C GLU C 147 -8.68 9.73 -34.75
N ASN C 148 -7.41 9.85 -34.39
CA ASN C 148 -7.01 10.60 -33.20
C ASN C 148 -5.51 10.87 -33.30
N HIS C 149 -5.15 11.99 -33.93
CA HIS C 149 -3.76 12.35 -34.13
C HIS C 149 -3.62 13.86 -34.17
N GLY C 150 -2.51 14.36 -33.64
CA GLY C 150 -2.24 15.78 -33.68
C GLY C 150 -1.39 16.19 -34.86
N GLY C 151 -0.69 15.23 -35.45
CA GLY C 151 0.20 15.53 -36.57
C GLY C 151 -0.57 15.71 -37.86
N ARG C 152 -0.28 16.79 -38.57
CA ARG C 152 -0.86 17.07 -39.88
C ARG C 152 0.16 16.72 -40.96
N THR C 153 -0.15 15.71 -41.77
CA THR C 153 0.73 15.26 -42.82
C THR C 153 0.38 15.96 -44.13
N TYR C 154 1.39 16.53 -44.79
CA TYR C 154 1.22 17.24 -46.06
C TYR C 154 2.03 16.50 -47.12
N HIS C 155 1.34 15.88 -48.07
CA HIS C 155 1.99 15.17 -49.15
C HIS C 155 1.13 15.27 -50.41
N ASP C 156 1.80 15.28 -51.56
CA ASP C 156 1.10 15.34 -52.83
C ASP C 156 1.18 13.99 -53.55
N PHE C 157 0.91 12.91 -52.82
CA PHE C 157 0.86 11.56 -53.35
C PHE C 157 -0.58 11.06 -53.36
N GLY C 158 -0.77 9.85 -53.88
CA GLY C 158 -2.09 9.25 -53.86
C GLY C 158 -2.50 8.90 -52.44
N THR C 159 -3.74 9.25 -52.09
CA THR C 159 -4.25 9.00 -50.76
C THR C 159 -5.17 7.77 -50.76
N LEU C 160 -5.65 7.39 -49.58
CA LEU C 160 -6.56 6.26 -49.48
C LEU C 160 -7.93 6.57 -50.04
N GLY C 161 -8.32 7.84 -50.10
CA GLY C 161 -9.59 8.20 -50.68
C GLY C 161 -10.11 9.51 -50.11
N HIS C 162 -11.26 9.91 -50.60
CA HIS C 162 -11.89 11.16 -50.17
C HIS C 162 -12.63 10.94 -48.86
N VAL C 163 -12.56 11.94 -47.98
CA VAL C 163 -13.16 11.88 -46.65
C VAL C 163 -14.52 12.55 -46.72
N THR C 164 -15.59 11.77 -46.53
CA THR C 164 -16.94 12.31 -46.46
C THR C 164 -17.29 12.81 -45.07
N PHE C 165 -16.76 12.17 -44.03
CA PHE C 165 -16.94 12.62 -42.66
C PHE C 165 -15.62 12.45 -41.92
N GLY C 166 -15.19 13.50 -41.22
CA GLY C 166 -13.92 13.50 -40.53
C GLY C 166 -13.00 14.59 -41.06
N TYR C 167 -11.70 14.34 -40.98
CA TYR C 167 -10.70 15.30 -41.44
C TYR C 167 -9.66 14.65 -42.34
N GLY C 168 -8.95 13.65 -41.82
CA GLY C 168 -7.93 12.98 -42.61
C GLY C 168 -6.52 13.46 -42.33
N ASN C 169 -5.73 13.64 -43.38
CA ASN C 169 -4.33 14.03 -43.20
C ASN C 169 -4.20 15.39 -42.52
N ASN C 170 -5.15 16.29 -42.76
CA ASN C 170 -5.14 17.62 -42.16
C ASN C 170 -6.56 18.16 -42.18
N ASP C 171 -6.72 19.43 -41.80
CA ASP C 171 -8.05 20.00 -41.63
C ASP C 171 -8.75 20.22 -42.96
N GLU C 172 -8.01 20.48 -44.03
CA GLU C 172 -8.58 21.02 -45.27
C GLU C 172 -8.67 20.00 -46.39
N ASP C 173 -7.68 19.12 -46.54
CA ASP C 173 -7.61 18.28 -47.74
C ASP C 173 -8.81 17.34 -47.86
N LYS C 174 -9.39 16.93 -46.74
CA LYS C 174 -10.42 15.89 -46.72
C LYS C 174 -9.92 14.62 -47.42
N LYS C 175 -8.64 14.34 -47.27
CA LYS C 175 -8.02 13.11 -47.76
C LYS C 175 -7.28 12.46 -46.61
N GLU C 176 -7.33 11.13 -46.56
CA GLU C 176 -6.79 10.36 -45.44
C GLU C 176 -5.72 9.41 -45.96
N GLY C 177 -4.60 9.36 -45.25
CA GLY C 177 -3.57 8.38 -45.52
C GLY C 177 -2.80 8.64 -46.81
N ILE C 178 -2.01 7.64 -47.18
CA ILE C 178 -1.20 7.68 -48.40
C ILE C 178 -1.37 6.35 -49.13
N HIS C 179 -1.22 6.41 -50.45
CA HIS C 179 -1.28 5.21 -51.30
C HIS C 179 -0.26 5.42 -52.42
N TYR C 180 0.98 5.04 -52.14
CA TYR C 180 2.08 5.15 -53.10
C TYR C 180 2.43 3.74 -53.56
N LYS C 181 2.11 3.43 -54.82
CA LYS C 181 2.26 2.08 -55.35
C LYS C 181 1.50 1.07 -54.49
N ASN C 182 2.23 0.13 -53.91
CA ASN C 182 1.61 -0.87 -53.06
C ASN C 182 1.84 -0.60 -51.57
N LEU C 183 2.32 0.59 -51.22
CA LEU C 183 2.54 0.96 -49.83
C LEU C 183 1.34 1.74 -49.30
N LEU C 184 0.90 1.41 -48.08
CA LEU C 184 -0.25 2.05 -47.47
C LEU C 184 0.12 2.62 -46.12
N GLY C 185 -0.41 3.81 -45.84
CA GLY C 185 -0.27 4.41 -44.52
C GLY C 185 -1.56 5.10 -44.14
N THR C 186 -1.80 5.18 -42.83
CA THR C 186 -3.07 5.72 -42.36
C THR C 186 -2.93 6.16 -40.91
N TYR C 187 -3.96 6.86 -40.44
CA TYR C 187 -4.12 7.22 -39.03
C TYR C 187 -5.26 6.47 -38.37
N LEU C 188 -5.91 5.57 -39.09
CA LEU C 188 -7.13 4.94 -38.59
C LEU C 188 -6.83 3.90 -37.52
N HIS C 189 -7.73 3.81 -36.54
CA HIS C 189 -7.66 2.85 -35.45
C HIS C 189 -8.83 1.88 -35.56
N GLY C 190 -8.82 0.85 -34.72
CA GLY C 190 -9.88 -0.12 -34.70
C GLY C 190 -9.45 -1.54 -34.38
N PRO C 191 -8.37 -2.04 -35.02
CA PRO C 191 -7.53 -1.61 -36.14
C PRO C 191 -8.29 -1.30 -37.44
N ILE C 192 -7.58 -1.25 -38.56
CA ILE C 192 -8.17 -0.82 -39.83
C ILE C 192 -8.54 -2.03 -40.69
N LEU C 193 -7.79 -3.12 -40.55
CA LEU C 193 -7.99 -4.28 -41.40
C LEU C 193 -9.23 -5.10 -41.05
N PRO C 194 -9.55 -5.35 -39.75
CA PRO C 194 -10.75 -6.14 -39.42
C PRO C 194 -12.00 -5.76 -40.19
N LYS C 195 -12.44 -4.50 -40.08
CA LYS C 195 -13.64 -4.08 -40.79
C LYS C 195 -13.37 -3.95 -42.29
N ASN C 196 -12.31 -3.22 -42.64
CA ASN C 196 -12.01 -2.90 -44.03
C ASN C 196 -11.33 -4.11 -44.68
N TYR C 197 -12.15 -5.10 -45.03
CA TYR C 197 -11.64 -6.31 -45.65
C TYR C 197 -11.04 -6.04 -47.02
N GLU C 198 -11.50 -4.97 -47.69
CA GLU C 198 -10.99 -4.66 -49.03
C GLU C 198 -9.54 -4.18 -48.98
N ILE C 199 -9.11 -3.61 -47.84
CA ILE C 199 -7.69 -3.28 -47.69
C ILE C 199 -6.88 -4.54 -47.41
N THR C 200 -7.42 -5.45 -46.59
CA THR C 200 -6.73 -6.71 -46.32
C THR C 200 -6.55 -7.52 -47.59
N ASP C 201 -7.63 -7.67 -48.36
CA ASP C 201 -7.55 -8.45 -49.59
C ASP C 201 -6.63 -7.79 -50.62
N TYR C 202 -6.55 -6.45 -50.60
CA TYR C 202 -5.64 -5.77 -51.51
C TYR C 202 -4.20 -6.16 -51.22
N LEU C 203 -3.79 -6.14 -49.95
CA LEU C 203 -2.42 -6.48 -49.59
C LEU C 203 -2.14 -7.96 -49.87
N LEU C 204 -3.12 -8.83 -49.65
CA LEU C 204 -2.91 -10.25 -49.90
C LEU C 204 -2.89 -10.56 -51.39
N GLU C 205 -3.80 -9.94 -52.16
CA GLU C 205 -3.88 -10.21 -53.59
C GLU C 205 -2.63 -9.74 -54.32
N LYS C 206 -2.11 -8.56 -53.96
CA LYS C 206 -0.93 -8.05 -54.65
C LYS C 206 0.29 -8.94 -54.39
N ALA C 207 0.44 -9.44 -53.15
CA ALA C 207 1.55 -10.31 -52.83
C ALA C 207 1.48 -11.62 -53.60
N CYS C 208 0.27 -12.14 -53.80
CA CYS C 208 0.10 -13.40 -54.54
C CYS C 208 0.50 -13.24 -56.00
N GLU C 209 0.13 -12.13 -56.63
CA GLU C 209 0.48 -11.90 -58.02
C GLU C 209 1.99 -11.77 -58.20
N ARG C 210 2.67 -11.13 -57.23
CA ARG C 210 4.12 -10.99 -57.31
C ARG C 210 4.81 -12.34 -57.12
N LYS C 211 4.27 -13.19 -56.25
CA LYS C 211 4.87 -14.49 -56.01
C LYS C 211 4.47 -15.51 -57.08
N GLY C 212 3.26 -15.41 -57.61
CA GLY C 212 2.80 -16.34 -58.63
C GLY C 212 1.95 -17.46 -58.06
N ILE C 213 1.15 -17.13 -57.05
CA ILE C 213 0.27 -18.11 -56.41
C ILE C 213 -1.17 -17.62 -56.58
N PRO C 214 -2.14 -18.53 -56.67
CA PRO C 214 -3.53 -18.09 -56.92
C PRO C 214 -4.15 -17.46 -55.68
N PHE C 215 -4.96 -16.43 -55.93
CA PHE C 215 -5.74 -15.76 -54.88
C PHE C 215 -7.19 -16.16 -55.09
N GLU C 216 -7.52 -17.40 -54.70
CA GLU C 216 -8.85 -17.96 -54.88
C GLU C 216 -9.34 -18.55 -53.56
N PRO C 217 -10.63 -18.38 -53.24
CA PRO C 217 -11.58 -17.61 -54.04
C PRO C 217 -11.53 -16.11 -53.72
N LYS C 218 -11.86 -15.26 -54.70
CA LYS C 218 -11.66 -13.82 -54.52
C LYS C 218 -12.77 -13.17 -53.71
N GLU C 219 -13.99 -13.71 -53.77
CA GLU C 219 -15.13 -13.15 -53.07
C GLU C 219 -15.54 -14.13 -51.96
N ILE C 220 -15.48 -13.70 -50.71
CA ILE C 220 -15.83 -14.52 -49.58
C ILE C 220 -16.87 -13.79 -48.73
N ASP C 221 -17.32 -14.46 -47.67
CA ASP C 221 -18.34 -13.88 -46.80
C ASP C 221 -17.78 -12.70 -46.04
N ASN C 222 -18.49 -11.56 -46.11
CA ASN C 222 -18.05 -10.32 -45.47
C ASN C 222 -19.18 -9.67 -44.68
N GLU C 223 -20.17 -10.45 -44.25
CA GLU C 223 -21.33 -9.86 -43.58
C GLU C 223 -20.95 -9.23 -42.24
N ALA C 224 -20.15 -9.95 -41.44
CA ALA C 224 -19.74 -9.41 -40.14
C ALA C 224 -18.94 -8.12 -40.30
N GLU C 225 -18.10 -8.05 -41.33
CA GLU C 225 -17.35 -6.82 -41.59
C GLU C 225 -18.28 -5.69 -42.03
N ILE C 226 -19.25 -6.00 -42.89
CA ILE C 226 -20.16 -4.98 -43.40
C ILE C 226 -21.07 -4.46 -42.29
N GLN C 227 -21.53 -5.36 -41.41
CA GLN C 227 -22.38 -4.93 -40.30
C GLN C 227 -21.63 -4.02 -39.33
N ALA C 228 -20.31 -4.22 -39.20
CA ALA C 228 -19.53 -3.33 -38.33
C ALA C 228 -19.30 -1.97 -38.98
N LYS C 229 -19.15 -1.93 -40.31
CA LYS C 229 -19.02 -0.66 -41.00
C LYS C 229 -20.30 0.16 -40.92
N GLN C 230 -21.45 -0.49 -41.01
CA GLN C 230 -22.71 0.22 -41.12
C GLN C 230 -23.05 0.98 -39.84
N VAL C 231 -22.54 0.52 -38.69
CA VAL C 231 -22.83 1.19 -37.43
C VAL C 231 -22.22 2.59 -37.41
N LEU C 232 -20.94 2.70 -37.80
CA LEU C 232 -20.30 4.00 -37.82
C LEU C 232 -20.74 4.85 -39.01
N ILE C 233 -21.13 4.20 -40.11
CA ILE C 233 -21.64 4.96 -41.26
C ILE C 233 -22.99 5.57 -40.93
N ASP C 234 -23.88 4.80 -40.31
CA ASP C 234 -25.17 5.34 -39.89
C ASP C 234 -24.99 6.44 -38.85
N ARG C 235 -24.02 6.28 -37.95
CA ARG C 235 -23.78 7.30 -36.93
C ARG C 235 -23.17 8.56 -37.54
N ALA C 236 -22.29 8.40 -38.53
CA ALA C 236 -21.69 9.55 -39.19
C ALA C 236 -22.74 10.37 -39.92
N ASN C 237 -23.64 9.70 -40.64
CA ASN C 237 -24.71 10.42 -41.35
C ASN C 237 -25.69 11.06 -40.38
N ARG C 238 -25.95 10.41 -39.23
CA ARG C 238 -26.86 10.99 -38.26
C ARG C 238 -26.33 12.30 -37.70
N GLN C 239 -25.02 12.38 -37.47
CA GLN C 239 -24.41 13.62 -37.00
C GLN C 239 -24.20 14.60 -38.15
N LYS C 240 -23.96 14.08 -39.36
CA LYS C 240 -23.78 14.94 -40.52
C LYS C 240 -25.03 15.77 -40.83
N LYS C 241 -26.22 15.22 -40.57
CA LYS C 241 -27.44 15.96 -40.84
C LYS C 241 -27.70 17.07 -39.83
N SER C 242 -26.92 17.13 -38.74
CA SER C 242 -27.00 18.24 -37.81
C SER C 242 -26.09 19.39 -38.20
N ARG C 243 -25.10 19.13 -39.04
CA ARG C 243 -24.18 20.18 -39.49
C ARG C 243 -24.57 20.67 -40.88
N MET D 1 49.68 2.27 24.62
CA MET D 1 48.46 2.20 25.42
C MET D 1 48.04 0.75 25.64
N HIS D 2 47.47 0.48 26.82
CA HIS D 2 46.97 -0.86 27.12
C HIS D 2 45.84 -1.22 26.17
N GLU D 3 45.84 -2.47 25.72
CA GLU D 3 44.83 -2.95 24.78
C GLU D 3 44.32 -4.30 25.24
N LEU D 4 43.01 -4.47 25.22
CA LEU D 4 42.35 -5.75 25.50
C LEU D 4 41.45 -6.12 24.34
N THR D 5 41.52 -7.38 23.92
CA THR D 5 40.75 -7.88 22.79
C THR D 5 39.59 -8.73 23.29
N ILE D 6 38.38 -8.40 22.84
CA ILE D 6 37.17 -9.12 23.20
C ILE D 6 36.68 -9.89 21.98
N TYR D 7 36.42 -11.18 22.15
CA TYR D 7 35.89 -12.03 21.09
C TYR D 7 34.37 -12.06 21.20
N HIS D 8 33.70 -11.32 20.32
CA HIS D 8 32.25 -11.29 20.28
C HIS D 8 31.76 -12.41 19.37
N PHE D 9 31.25 -13.48 19.96
CA PHE D 9 30.84 -14.65 19.20
C PHE D 9 29.42 -14.48 18.66
N MET D 10 29.26 -14.86 17.38
CA MET D 10 27.96 -14.80 16.69
C MET D 10 27.36 -13.40 16.73
N SER D 11 28.17 -12.41 16.35
CA SER D 11 27.71 -11.03 16.33
C SER D 11 26.59 -10.80 15.32
N ASP D 12 26.61 -11.52 14.20
CA ASP D 12 25.65 -11.30 13.12
C ASP D 12 24.30 -11.89 13.49
N LYS D 13 23.35 -11.01 13.78
CA LYS D 13 21.97 -11.37 14.15
C LYS D 13 21.96 -12.42 15.26
N LEU D 14 22.52 -11.99 16.38
CA LEU D 14 22.25 -12.67 17.64
C LEU D 14 22.10 -11.61 18.73
N ASN D 15 21.79 -10.37 18.35
CA ASN D 15 21.70 -9.26 19.27
C ASN D 15 20.22 -8.93 19.49
N LEU D 16 19.52 -9.86 20.13
CA LEU D 16 18.16 -9.65 20.59
C LEU D 16 18.10 -9.13 22.04
N TYR D 17 19.25 -8.89 22.66
CA TYR D 17 19.35 -8.32 24.00
C TYR D 17 20.51 -7.32 24.09
N SER D 18 20.49 -6.35 23.18
CA SER D 18 21.43 -5.21 23.16
C SER D 18 22.85 -5.61 23.57
N ASP D 19 23.44 -6.53 22.80
CA ASP D 19 24.81 -6.94 23.05
C ASP D 19 25.79 -5.77 22.96
N ILE D 20 25.40 -4.68 22.31
CA ILE D 20 26.28 -3.51 22.20
C ILE D 20 26.30 -2.70 23.49
N GLY D 21 25.24 -2.76 24.30
CA GLY D 21 25.26 -2.06 25.57
C GLY D 21 26.29 -2.63 26.53
N ASN D 22 26.47 -3.95 26.51
CA ASN D 22 27.53 -4.56 27.30
C ASN D 22 28.91 -4.20 26.74
N ILE D 23 29.02 -4.16 25.41
CA ILE D 23 30.28 -3.76 24.79
C ILE D 23 30.59 -2.29 25.10
N ILE D 24 29.58 -1.43 25.01
CA ILE D 24 29.78 -0.01 25.34
C ILE D 24 30.24 0.14 26.78
N ALA D 25 29.60 -0.58 27.70
CA ALA D 25 29.97 -0.48 29.11
C ALA D 25 31.39 -0.99 29.35
N LEU D 26 31.78 -2.09 28.70
CA LEU D 26 33.12 -2.60 28.85
C LEU D 26 34.17 -1.62 28.34
N ARG D 27 33.89 -0.97 27.20
CA ARG D 27 34.85 -0.06 26.62
C ARG D 27 34.93 1.25 27.40
N GLN D 28 33.82 1.71 27.98
CA GLN D 28 33.83 2.96 28.73
C GLN D 28 34.56 2.80 30.05
N ARG D 29 34.26 1.72 30.78
CA ARG D 29 34.94 1.47 32.05
C ARG D 29 36.44 1.26 31.83
N ALA D 30 36.81 0.60 30.73
CA ALA D 30 38.22 0.44 30.40
C ALA D 30 38.85 1.75 29.94
N LYS D 31 38.07 2.61 29.27
CA LYS D 31 38.59 3.91 28.85
C LYS D 31 38.94 4.77 30.06
N LYS D 32 38.11 4.72 31.10
CA LYS D 32 38.43 5.43 32.34
C LYS D 32 39.71 4.91 32.97
N ARG D 33 40.10 3.67 32.68
CA ARG D 33 41.33 3.09 33.18
C ARG D 33 42.44 3.11 32.12
N ASN D 34 42.28 3.92 31.08
CA ASN D 34 43.25 4.05 29.99
C ASN D 34 43.53 2.70 29.34
N ILE D 35 42.46 2.02 28.93
CA ILE D 35 42.54 0.72 28.28
C ILE D 35 41.70 0.75 27.02
N LYS D 36 42.35 0.59 25.86
CA LYS D 36 41.65 0.54 24.58
C LYS D 36 41.13 -0.87 24.33
N VAL D 37 39.83 -0.98 24.06
CA VAL D 37 39.17 -2.26 23.84
C VAL D 37 39.03 -2.49 22.35
N ASN D 38 39.55 -3.61 21.87
CA ASN D 38 39.41 -4.02 20.47
C ASN D 38 38.41 -5.17 20.41
N VAL D 39 37.27 -4.91 19.76
CA VAL D 39 36.22 -5.92 19.63
C VAL D 39 36.40 -6.63 18.30
N VAL D 40 36.62 -7.93 18.35
CA VAL D 40 36.80 -8.77 17.17
C VAL D 40 35.54 -9.61 17.02
N GLU D 41 34.67 -9.23 16.09
CA GLU D 41 33.46 -9.98 15.84
C GLU D 41 33.79 -11.28 15.10
N ILE D 42 33.34 -12.40 15.65
CA ILE D 42 33.64 -13.72 15.11
C ILE D 42 32.33 -14.47 14.90
N ASN D 43 32.06 -14.85 13.65
CA ASN D 43 30.92 -15.70 13.33
C ASN D 43 31.32 -17.02 12.68
N GLU D 44 32.59 -17.16 12.26
CA GLU D 44 33.10 -18.37 11.63
C GLU D 44 34.18 -18.94 12.55
N THR D 45 33.79 -19.90 13.38
CA THR D 45 34.66 -20.44 14.44
C THR D 45 35.27 -21.80 14.06
N GLU D 46 35.98 -21.87 12.94
CA GLU D 46 36.66 -23.09 12.54
C GLU D 46 38.13 -22.77 12.35
N GLY D 47 38.97 -23.39 13.17
CA GLY D 47 40.38 -23.06 13.19
C GLY D 47 40.70 -21.80 13.95
N ILE D 48 39.74 -21.25 14.68
CA ILE D 48 39.94 -20.02 15.44
C ILE D 48 40.60 -20.38 16.76
N THR D 49 41.69 -19.68 17.09
CA THR D 49 42.44 -19.92 18.31
C THR D 49 42.03 -18.94 19.40
N PHE D 50 42.56 -19.17 20.60
CA PHE D 50 42.32 -18.33 21.75
C PHE D 50 43.58 -17.61 22.23
N ASP D 51 44.56 -17.43 21.35
CA ASP D 51 45.81 -16.80 21.75
C ASP D 51 45.61 -15.30 22.00
N GLU D 52 45.07 -14.59 21.01
CA GLU D 52 44.86 -13.14 21.11
C GLU D 52 43.58 -12.78 21.84
N CYS D 53 42.93 -13.73 22.51
CA CYS D 53 41.68 -13.47 23.20
C CYS D 53 41.93 -13.15 24.67
N ASP D 54 41.36 -12.03 25.12
CA ASP D 54 41.37 -11.65 26.53
C ASP D 54 40.02 -11.85 27.21
N ILE D 55 38.94 -11.50 26.53
CA ILE D 55 37.57 -11.73 27.00
C ILE D 55 36.75 -12.22 25.83
N PHE D 56 35.76 -13.06 26.10
CA PHE D 56 34.82 -13.51 25.09
C PHE D 56 33.40 -13.22 25.55
N PHE D 57 32.51 -12.99 24.57
CA PHE D 57 31.12 -12.67 24.84
C PHE D 57 30.24 -13.49 23.91
N ILE D 58 29.18 -14.08 24.47
CA ILE D 58 28.24 -14.90 23.71
C ILE D 58 26.84 -14.43 24.08
N GLY D 59 26.19 -13.71 23.18
CA GLY D 59 24.84 -13.23 23.40
C GLY D 59 23.81 -14.33 23.25
N GLY D 60 22.55 -13.91 23.30
CA GLY D 60 21.44 -14.84 23.19
C GLY D 60 20.49 -14.43 22.08
N GLY D 61 19.81 -15.43 21.54
CA GLY D 61 18.84 -15.19 20.48
C GLY D 61 17.66 -16.13 20.52
N SER D 62 16.91 -16.20 19.43
CA SER D 62 15.75 -17.09 19.37
C SER D 62 16.20 -18.55 19.41
N ASP D 63 15.24 -19.43 19.71
CA ASP D 63 15.54 -20.85 19.80
C ASP D 63 16.05 -21.40 18.48
N ARG D 64 15.63 -20.82 17.35
CA ARG D 64 16.13 -21.25 16.06
C ARG D 64 17.58 -20.80 15.85
N GLU D 65 17.90 -19.57 16.22
CA GLU D 65 19.26 -19.07 16.05
C GLU D 65 20.22 -19.70 17.06
N GLN D 66 19.72 -20.05 18.25
CA GLN D 66 20.58 -20.67 19.25
C GLN D 66 21.02 -22.07 18.81
N ALA D 67 20.13 -22.83 18.17
CA ALA D 67 20.51 -24.15 17.69
C ALA D 67 21.52 -24.05 16.55
N LEU D 68 21.35 -23.05 15.68
CA LEU D 68 22.32 -22.85 14.60
C LEU D 68 23.66 -22.37 15.13
N ALA D 69 23.64 -21.54 16.18
CA ALA D 69 24.89 -21.10 16.79
C ALA D 69 25.59 -22.23 17.54
N THR D 70 24.83 -23.18 18.07
CA THR D 70 25.42 -24.31 18.77
C THR D 70 26.24 -25.18 17.83
N LYS D 71 25.75 -25.38 16.61
CA LYS D 71 26.51 -26.17 15.64
C LYS D 71 27.81 -25.48 15.25
N GLU D 72 27.78 -24.15 15.11
CA GLU D 72 29.00 -23.43 14.74
C GLU D 72 29.98 -23.38 15.90
N LEU D 73 29.47 -23.16 17.12
CA LEU D 73 30.33 -23.16 18.29
C LEU D 73 30.84 -24.55 18.64
N SER D 74 30.15 -25.60 18.21
CA SER D 74 30.61 -26.96 18.47
C SER D 74 31.89 -27.28 17.72
N LYS D 75 32.21 -26.52 16.65
CA LYS D 75 33.44 -26.76 15.91
C LYS D 75 34.68 -26.42 16.73
N ILE D 76 34.53 -25.70 17.83
CA ILE D 76 35.64 -25.43 18.75
C ILE D 76 35.17 -25.66 20.17
N LYS D 77 34.38 -26.72 20.37
CA LYS D 77 33.83 -26.99 21.69
C LYS D 77 34.91 -27.37 22.70
N THR D 78 35.99 -27.99 22.24
CA THR D 78 37.06 -28.43 23.13
C THR D 78 38.02 -27.29 23.47
N PRO D 79 38.55 -26.53 22.50
CA PRO D 79 39.43 -25.41 22.86
C PRO D 79 38.73 -24.32 23.65
N LEU D 80 37.41 -24.17 23.49
CA LEU D 80 36.67 -23.24 24.32
C LEU D 80 36.57 -23.75 25.76
N LYS D 81 36.35 -25.06 25.92
CA LYS D 81 36.27 -25.64 27.26
C LYS D 81 37.62 -25.53 27.97
N GLU D 82 38.71 -25.80 27.25
CA GLU D 82 40.04 -25.69 27.85
C GLU D 82 40.37 -24.25 28.21
N ALA D 83 39.88 -23.28 27.44
CA ALA D 83 40.09 -21.88 27.77
C ALA D 83 39.37 -21.50 29.06
N ILE D 84 38.13 -21.96 29.23
CA ILE D 84 37.39 -21.65 30.45
C ILE D 84 38.03 -22.31 31.66
N GLU D 85 38.46 -23.57 31.51
CA GLU D 85 39.13 -24.25 32.62
C GLU D 85 40.44 -23.57 32.99
N ASP D 86 41.10 -22.92 32.03
CA ASP D 86 42.32 -22.17 32.33
C ASP D 86 42.04 -20.83 32.99
N GLY D 87 40.80 -20.36 32.95
CA GLY D 87 40.44 -19.10 33.59
C GLY D 87 40.16 -17.95 32.64
N MET D 88 39.74 -18.25 31.42
CA MET D 88 39.41 -17.20 30.47
C MET D 88 38.15 -16.47 30.92
N PRO D 89 38.20 -15.14 31.05
CA PRO D 89 36.98 -14.40 31.41
C PRO D 89 35.97 -14.41 30.29
N GLY D 90 34.69 -14.43 30.66
CA GLY D 90 33.62 -14.47 29.68
C GLY D 90 32.24 -14.14 30.23
N LEU D 91 31.40 -13.54 29.39
CA LEU D 91 30.04 -13.19 29.76
C LEU D 91 29.09 -13.75 28.72
N THR D 92 28.06 -14.46 29.19
CA THR D 92 27.05 -15.05 28.33
C THR D 92 25.67 -14.60 28.78
N ILE D 93 24.79 -14.32 27.82
CA ILE D 93 23.47 -13.77 28.11
C ILE D 93 22.41 -14.73 27.59
N CYS D 94 21.50 -15.13 28.49
CA CYS D 94 20.32 -15.92 28.14
C CYS D 94 20.65 -17.17 27.35
N GLY D 95 20.34 -17.16 26.04
CA GLY D 95 20.57 -18.34 25.22
C GLY D 95 22.03 -18.74 25.19
N GLY D 96 22.94 -17.78 25.12
CA GLY D 96 24.35 -18.08 25.20
C GLY D 96 24.74 -18.69 26.53
N TYR D 97 24.01 -18.35 27.59
CA TYR D 97 24.25 -18.94 28.90
C TYR D 97 23.59 -20.31 29.04
N GLN D 98 22.42 -20.48 28.43
CA GLN D 98 21.71 -21.75 28.55
C GLN D 98 22.39 -22.86 27.77
N PHE D 99 22.90 -22.54 26.56
CA PHE D 99 23.46 -23.55 25.69
C PHE D 99 24.94 -23.82 25.98
N LEU D 100 25.33 -23.68 27.24
CA LEU D 100 26.62 -24.13 27.73
C LEU D 100 26.53 -25.48 28.42
N GLY D 101 25.32 -25.91 28.74
CA GLY D 101 25.09 -27.18 29.39
C GLY D 101 24.84 -28.30 28.40
N LYS D 102 24.16 -29.35 28.89
CA LYS D 102 23.96 -30.55 28.09
C LYS D 102 22.82 -30.39 27.10
N LYS D 103 21.66 -29.92 27.55
CA LYS D 103 20.48 -29.87 26.70
C LYS D 103 19.54 -28.77 27.17
N TYR D 104 18.59 -28.44 26.29
CA TYR D 104 17.56 -27.43 26.57
C TYR D 104 16.22 -28.02 26.17
N ILE D 105 15.33 -28.20 27.16
CA ILE D 105 14.04 -28.84 26.96
C ILE D 105 12.98 -27.76 26.80
N THR D 106 12.34 -27.73 25.63
CA THR D 106 11.25 -26.82 25.36
C THR D 106 10.01 -27.28 26.14
N PRO D 107 8.98 -26.42 26.25
CA PRO D 107 7.76 -26.84 26.96
C PRO D 107 7.12 -28.10 26.39
N ASP D 108 7.36 -28.44 25.13
CA ASP D 108 6.81 -29.66 24.53
C ASP D 108 7.74 -30.86 24.67
N GLY D 109 8.84 -30.73 25.43
CA GLY D 109 9.75 -31.83 25.64
C GLY D 109 10.82 -32.01 24.58
N THR D 110 10.91 -31.12 23.60
CA THR D 110 11.91 -31.24 22.55
C THR D 110 13.28 -30.89 23.10
N GLU D 111 14.22 -31.84 23.01
CA GLU D 111 15.58 -31.65 23.51
C GLU D 111 16.46 -31.08 22.42
N LEU D 112 17.09 -29.94 22.69
CA LEU D 112 18.07 -29.35 21.79
C LEU D 112 19.44 -29.52 22.43
N GLU D 113 20.35 -30.17 21.71
CA GLU D 113 21.67 -30.47 22.25
C GLU D 113 22.47 -29.20 22.45
N GLY D 114 23.12 -29.08 23.62
CA GLY D 114 23.95 -27.94 23.93
C GLY D 114 25.43 -28.23 23.70
N LEU D 115 26.26 -27.25 24.06
CA LEU D 115 27.70 -27.38 23.87
C LEU D 115 28.28 -28.42 24.81
N GLY D 116 27.73 -28.56 26.01
CA GLY D 116 28.24 -29.53 26.96
C GLY D 116 29.49 -29.11 27.68
N ILE D 117 29.79 -27.80 27.74
CA ILE D 117 30.96 -27.33 28.48
C ILE D 117 30.78 -27.62 29.96
N LEU D 118 29.55 -27.51 30.46
CA LEU D 118 29.23 -27.81 31.85
C LEU D 118 28.04 -28.77 31.87
N ASP D 119 27.92 -29.50 32.97
CA ASP D 119 26.89 -30.53 33.09
C ASP D 119 25.67 -29.92 33.78
N PHE D 120 24.77 -29.36 32.97
CA PHE D 120 23.48 -28.90 33.48
C PHE D 120 22.51 -28.80 32.31
N TYR D 121 21.23 -28.71 32.65
CA TYR D 121 20.16 -28.65 31.67
C TYR D 121 19.20 -27.52 32.00
N THR D 122 18.33 -27.21 31.04
CA THR D 122 17.33 -26.16 31.19
C THR D 122 16.01 -26.67 30.63
N GLU D 123 14.93 -26.48 31.41
CA GLU D 123 13.60 -26.90 31.00
C GLU D 123 12.69 -25.68 31.02
N SER D 124 12.08 -25.36 29.88
CA SER D 124 11.26 -24.18 29.72
C SER D 124 9.79 -24.50 29.92
N LYS D 125 9.06 -23.51 30.44
CA LYS D 125 7.62 -23.60 30.62
C LYS D 125 6.95 -22.43 29.91
N THR D 126 5.61 -22.48 29.87
CA THR D 126 4.86 -21.41 29.21
C THR D 126 4.84 -20.16 30.08
N ASN D 127 4.52 -20.31 31.37
CA ASN D 127 4.54 -19.17 32.28
C ASN D 127 5.98 -18.70 32.49
N ARG D 128 6.23 -17.44 32.17
CA ARG D 128 7.58 -16.89 32.23
C ARG D 128 7.85 -16.28 33.60
N LEU D 129 9.14 -16.22 33.94
CA LEU D 129 9.60 -15.53 35.14
C LEU D 129 9.97 -14.11 34.73
N THR D 130 9.05 -13.17 34.97
CA THR D 130 9.19 -11.81 34.48
C THR D 130 9.04 -10.81 35.62
N GLY D 131 9.91 -9.83 35.65
CA GLY D 131 9.85 -8.78 36.66
C GLY D 131 11.24 -8.28 36.98
N ASP D 132 11.26 -7.26 37.85
CA ASP D 132 12.54 -6.74 38.34
C ASP D 132 13.20 -7.75 39.26
N ILE D 133 14.53 -7.81 39.20
CA ILE D 133 15.31 -8.77 39.97
C ILE D 133 16.44 -8.04 40.67
N VAL D 134 16.60 -8.29 41.97
CA VAL D 134 17.66 -7.70 42.78
C VAL D 134 18.49 -8.82 43.36
N ILE D 135 19.81 -8.70 43.23
CA ILE D 135 20.76 -9.73 43.65
C ILE D 135 21.76 -9.12 44.61
N GLU D 136 22.09 -9.87 45.66
CA GLU D 136 23.11 -9.47 46.63
C GLU D 136 24.28 -10.43 46.50
N SER D 137 25.43 -9.92 46.05
CA SER D 137 26.60 -10.73 45.77
C SER D 137 27.78 -10.27 46.62
N ASP D 138 28.68 -11.21 46.90
CA ASP D 138 29.91 -10.89 47.62
C ASP D 138 30.96 -10.30 46.68
N THR D 139 31.04 -10.83 45.45
CA THR D 139 32.03 -10.38 44.49
C THR D 139 31.54 -9.22 43.65
N PHE D 140 30.27 -9.23 43.25
CA PHE D 140 29.73 -8.23 42.34
C PHE D 140 28.81 -7.23 43.02
N GLY D 141 28.81 -7.18 44.35
CA GLY D 141 27.96 -6.24 45.07
C GLY D 141 26.49 -6.47 44.77
N THR D 142 25.73 -5.38 44.79
CA THR D 142 24.31 -5.43 44.51
C THR D 142 24.09 -5.42 43.00
N ILE D 143 23.49 -6.49 42.48
CA ILE D 143 23.19 -6.61 41.05
C ILE D 143 21.70 -6.30 40.85
N VAL D 144 21.42 -5.38 39.93
CA VAL D 144 20.06 -4.94 39.65
C VAL D 144 19.80 -5.09 38.16
N GLY D 145 18.58 -5.51 37.81
CA GLY D 145 18.23 -5.69 36.41
C GLY D 145 16.78 -6.08 36.17
N PHE D 146 16.53 -6.76 35.05
CA PHE D 146 15.19 -7.17 34.64
C PHE D 146 15.28 -8.54 33.99
N GLU D 147 14.43 -9.45 34.44
CA GLU D 147 14.44 -10.84 33.96
C GLU D 147 13.15 -11.13 33.21
N ASN D 148 13.26 -11.99 32.18
CA ASN D 148 12.08 -12.40 31.40
C ASN D 148 12.49 -13.64 30.60
N HIS D 149 12.29 -14.82 31.19
CA HIS D 149 12.69 -16.05 30.55
C HIS D 149 11.76 -17.17 31.02
N GLY D 150 11.49 -18.10 30.09
CA GLY D 150 10.68 -19.26 30.41
C GLY D 150 11.52 -20.45 30.81
N GLY D 151 12.80 -20.44 30.44
CA GLY D 151 13.68 -21.57 30.73
C GLY D 151 14.14 -21.56 32.18
N ARG D 152 14.02 -22.71 32.84
CA ARG D 152 14.50 -22.90 34.20
C ARG D 152 15.82 -23.64 34.13
N THR D 153 16.90 -22.97 34.55
CA THR D 153 18.23 -23.57 34.53
C THR D 153 18.52 -24.23 35.87
N TYR D 154 18.95 -25.49 35.83
CA TYR D 154 19.27 -26.26 37.03
C TYR D 154 20.74 -26.64 36.98
N HIS D 155 21.54 -26.03 37.86
CA HIS D 155 22.95 -26.35 37.97
C HIS D 155 23.37 -26.16 39.43
N ASP D 156 24.32 -26.99 39.87
CA ASP D 156 24.82 -26.85 41.22
C ASP D 156 26.25 -26.28 41.20
N PHE D 157 26.42 -25.19 40.47
CA PHE D 157 27.66 -24.45 40.40
C PHE D 157 27.51 -23.13 41.15
N GLY D 158 28.60 -22.36 41.21
CA GLY D 158 28.53 -21.05 41.83
C GLY D 158 27.68 -20.11 41.00
N THR D 159 26.78 -19.39 41.65
CA THR D 159 25.88 -18.47 40.99
C THR D 159 26.36 -17.03 41.20
N LEU D 160 25.65 -16.08 40.58
CA LEU D 160 26.00 -14.67 40.72
C LEU D 160 25.66 -14.14 42.10
N GLY D 161 24.73 -14.75 42.81
CA GLY D 161 24.39 -14.32 44.16
C GLY D 161 22.97 -14.68 44.51
N HIS D 162 22.60 -14.32 45.73
CA HIS D 162 21.26 -14.58 46.25
C HIS D 162 20.27 -13.55 45.74
N VAL D 163 19.06 -14.01 45.41
CA VAL D 163 18.02 -13.17 44.86
C VAL D 163 17.10 -12.75 46.00
N THR D 164 17.09 -11.44 46.30
CA THR D 164 16.18 -10.92 47.32
C THR D 164 14.81 -10.60 46.74
N PHE D 165 14.75 -10.19 45.48
CA PHE D 165 13.49 -9.95 44.79
C PHE D 165 13.62 -10.45 43.37
N GLY D 166 12.64 -11.23 42.91
CA GLY D 166 12.70 -11.85 41.61
C GLY D 166 12.66 -13.37 41.70
N TYR D 167 13.27 -14.02 40.72
CA TYR D 167 13.29 -15.48 40.69
C TYR D 167 14.69 -16.02 40.48
N GLY D 168 15.33 -15.66 39.37
CA GLY D 168 16.67 -16.12 39.09
C GLY D 168 16.75 -17.30 38.15
N ASN D 169 17.63 -18.26 38.45
CA ASN D 169 17.83 -19.41 37.57
C ASN D 169 16.57 -20.25 37.43
N ASN D 170 15.76 -20.32 38.49
CA ASN D 170 14.53 -21.10 38.45
C ASN D 170 13.58 -20.57 39.52
N ASP D 171 12.46 -21.26 39.72
CA ASP D 171 11.41 -20.76 40.60
C ASP D 171 11.79 -20.83 42.06
N GLU D 172 12.62 -21.81 42.45
CA GLU D 172 12.81 -22.17 43.85
C GLU D 172 14.15 -21.72 44.43
N ASP D 173 15.24 -21.82 43.66
CA ASP D 173 16.57 -21.61 44.22
C ASP D 173 16.77 -20.20 44.73
N LYS D 174 16.10 -19.21 44.12
CA LYS D 174 16.35 -17.80 44.40
C LYS D 174 17.82 -17.46 44.24
N LYS D 175 18.45 -18.09 43.24
CA LYS D 175 19.81 -17.80 42.83
C LYS D 175 19.81 -17.51 41.34
N GLU D 176 20.62 -16.54 40.91
CA GLU D 176 20.60 -16.06 39.54
C GLU D 176 21.95 -16.28 38.88
N GLY D 177 21.92 -16.79 37.65
CA GLY D 177 23.11 -16.89 36.83
C GLY D 177 24.07 -17.97 37.28
N ILE D 178 25.25 -17.94 36.66
CA ILE D 178 26.33 -18.87 36.97
C ILE D 178 27.62 -18.09 37.11
N HIS D 179 28.52 -18.62 37.93
CA HIS D 179 29.86 -18.03 38.14
C HIS D 179 30.84 -19.20 38.32
N TYR D 180 31.34 -19.70 37.20
CA TYR D 180 32.30 -20.80 37.18
C TYR D 180 33.65 -20.25 36.76
N LYS D 181 34.60 -20.20 37.70
CA LYS D 181 35.91 -19.56 37.49
C LYS D 181 35.66 -18.13 37.05
N ASN D 182 36.10 -17.72 35.87
CA ASN D 182 35.88 -16.36 35.38
C ASN D 182 34.77 -16.28 34.33
N LEU D 183 33.96 -17.32 34.22
CA LEU D 183 32.84 -17.36 33.28
C LEU D 183 31.56 -16.92 33.97
N LEU D 184 30.79 -16.06 33.31
CA LEU D 184 29.56 -15.52 33.86
C LEU D 184 28.41 -15.75 32.90
N GLY D 185 27.26 -16.07 33.46
CA GLY D 185 26.03 -16.19 32.68
C GLY D 185 24.88 -15.61 33.47
N THR D 186 23.87 -15.12 32.75
CA THR D 186 22.77 -14.43 33.41
C THR D 186 21.55 -14.38 32.49
N TYR D 187 20.43 -13.96 33.07
CA TYR D 187 19.19 -13.70 32.35
C TYR D 187 18.81 -12.21 32.33
N LEU D 188 19.66 -11.33 32.86
CA LEU D 188 19.29 -9.94 33.08
C LEU D 188 19.22 -9.15 31.77
N HIS D 189 18.28 -8.21 31.72
CA HIS D 189 18.05 -7.33 30.58
C HIS D 189 18.33 -5.88 30.95
N GLY D 190 18.28 -5.00 29.94
CA GLY D 190 18.56 -3.59 30.11
C GLY D 190 20.06 -3.40 30.06
N PRO D 191 20.69 -4.09 29.10
CA PRO D 191 21.86 -4.92 29.42
C PRO D 191 22.17 -5.16 30.90
N ILE D 192 23.31 -5.77 31.19
CA ILE D 192 23.67 -6.07 32.56
C ILE D 192 24.82 -5.21 33.05
N LEU D 193 25.74 -4.85 32.16
CA LEU D 193 26.97 -4.15 32.49
C LEU D 193 26.80 -2.66 32.76
N PRO D 194 25.96 -1.91 31.99
CA PRO D 194 25.81 -0.46 32.25
C PRO D 194 25.64 -0.08 33.71
N LYS D 195 24.59 -0.59 34.37
CA LYS D 195 24.38 -0.26 35.77
C LYS D 195 25.36 -1.00 36.68
N ASN D 196 25.44 -2.32 36.53
CA ASN D 196 26.25 -3.15 37.41
C ASN D 196 27.71 -3.08 36.95
N TYR D 197 28.35 -1.96 37.29
CA TYR D 197 29.74 -1.73 36.92
C TYR D 197 30.68 -2.70 37.61
N GLU D 198 30.29 -3.24 38.77
CA GLU D 198 31.16 -4.18 39.47
C GLU D 198 31.31 -5.50 38.72
N ILE D 199 30.35 -5.86 37.88
CA ILE D 199 30.52 -7.01 36.99
C ILE D 199 31.46 -6.66 35.85
N THR D 200 31.33 -5.44 35.31
CA THR D 200 32.22 -5.00 34.24
C THR D 200 33.67 -4.97 34.71
N ASP D 201 33.91 -4.37 35.89
CA ASP D 201 35.28 -4.29 36.40
C ASP D 201 35.85 -5.67 36.72
N TYR D 202 35.00 -6.62 37.11
CA TYR D 202 35.48 -7.98 37.38
C TYR D 202 36.06 -8.60 36.12
N LEU D 203 35.36 -8.48 34.99
CA LEU D 203 35.84 -9.06 33.75
C LEU D 203 37.09 -8.33 33.25
N LEU D 204 37.15 -7.01 33.44
CA LEU D 204 38.30 -6.25 32.99
C LEU D 204 39.51 -6.48 33.89
N GLU D 205 39.31 -6.53 35.21
CA GLU D 205 40.42 -6.69 36.13
C GLU D 205 41.11 -8.04 35.96
N LYS D 206 40.33 -9.11 35.80
CA LYS D 206 40.93 -10.43 35.62
C LYS D 206 41.69 -10.53 34.31
N ALA D 207 41.18 -9.91 33.24
CA ALA D 207 41.89 -9.93 31.97
C ALA D 207 43.23 -9.22 32.08
N CYS D 208 43.28 -8.14 32.86
CA CYS D 208 44.55 -7.44 33.06
C CYS D 208 45.53 -8.29 33.86
N GLU D 209 45.03 -8.98 34.89
CA GLU D 209 45.91 -9.83 35.70
C GLU D 209 46.46 -10.99 34.90
N ARG D 210 45.65 -11.57 34.00
CA ARG D 210 46.12 -12.65 33.17
C ARG D 210 47.14 -12.17 32.14
N LYS D 211 46.92 -10.96 31.61
CA LYS D 211 47.85 -10.42 30.60
C LYS D 211 49.08 -9.79 31.25
N GLY D 212 48.93 -9.19 32.42
CA GLY D 212 50.05 -8.58 33.11
C GLY D 212 50.15 -7.08 32.90
N ILE D 213 49.00 -6.41 32.82
CA ILE D 213 48.98 -4.95 32.67
C ILE D 213 48.22 -4.35 33.85
N PRO D 214 48.57 -3.15 34.29
CA PRO D 214 47.91 -2.59 35.49
C PRO D 214 46.50 -2.13 35.20
N PHE D 215 45.61 -2.36 36.17
CA PHE D 215 44.22 -1.91 36.12
C PHE D 215 44.06 -0.79 37.15
N GLU D 216 44.57 0.39 36.81
CA GLU D 216 44.57 1.54 37.70
C GLU D 216 44.02 2.77 36.98
N PRO D 217 43.25 3.62 37.66
CA PRO D 217 42.81 3.48 39.07
C PRO D 217 41.55 2.64 39.22
N LYS D 218 41.41 1.98 40.37
CA LYS D 218 40.30 1.04 40.57
C LYS D 218 38.99 1.73 40.91
N GLU D 219 39.04 2.91 41.52
CA GLU D 219 37.84 3.62 41.94
C GLU D 219 37.63 4.86 41.06
N ILE D 220 36.51 4.88 40.35
CA ILE D 220 36.14 5.99 39.47
C ILE D 220 34.72 6.43 39.83
N ASP D 221 34.25 7.45 39.13
CA ASP D 221 32.91 7.99 39.40
C ASP D 221 31.84 6.99 39.00
N ASN D 222 30.92 6.70 39.94
CA ASN D 222 29.86 5.73 39.71
C ASN D 222 28.49 6.28 40.09
N GLU D 223 28.31 7.60 40.10
CA GLU D 223 27.05 8.17 40.55
C GLU D 223 25.90 7.79 39.63
N ALA D 224 26.11 7.91 38.32
CA ALA D 224 25.05 7.57 37.36
C ALA D 224 24.66 6.10 37.47
N GLU D 225 25.65 5.23 37.68
CA GLU D 225 25.34 3.81 37.85
C GLU D 225 24.60 3.56 39.16
N ILE D 226 25.02 4.21 40.25
CA ILE D 226 24.38 3.99 41.53
C ILE D 226 22.97 4.57 41.55
N GLN D 227 22.78 5.74 40.94
CA GLN D 227 21.45 6.33 40.88
C GLN D 227 20.51 5.50 40.02
N ALA D 228 21.03 4.81 39.01
CA ALA D 228 20.20 3.95 38.18
C ALA D 228 19.83 2.66 38.91
N LYS D 229 20.73 2.13 39.74
CA LYS D 229 20.42 0.96 40.54
C LYS D 229 19.34 1.26 41.57
N GLN D 230 19.39 2.46 42.17
CA GLN D 230 18.52 2.78 43.30
C GLN D 230 17.05 2.86 42.89
N VAL D 231 16.78 3.15 41.61
CA VAL D 231 15.39 3.28 41.17
C VAL D 231 14.67 1.94 41.29
N LEU D 232 15.30 0.87 40.79
CA LEU D 232 14.69 -0.44 40.88
C LEU D 232 14.80 -1.04 42.27
N ILE D 233 15.83 -0.66 43.03
CA ILE D 233 15.96 -1.14 44.40
C ILE D 233 14.86 -0.56 45.28
N ASP D 234 14.63 0.75 45.17
CA ASP D 234 13.52 1.36 45.90
C ASP D 234 12.18 0.80 45.45
N ARG D 235 12.05 0.53 44.14
CA ARG D 235 10.80 -0.02 43.64
C ARG D 235 10.62 -1.47 44.08
N ALA D 236 11.72 -2.23 44.15
CA ALA D 236 11.63 -3.62 44.60
C ALA D 236 11.17 -3.69 46.05
N ASN D 237 11.74 -2.84 46.91
CA ASN D 237 11.30 -2.81 48.31
C ASN D 237 9.86 -2.32 48.42
N ARG D 238 9.46 -1.40 47.54
CA ARG D 238 8.06 -0.96 47.52
C ARG D 238 7.14 -2.11 47.15
N GLN D 239 7.58 -2.99 46.26
CA GLN D 239 6.78 -4.16 45.89
C GLN D 239 6.83 -5.24 46.95
N LYS D 240 7.94 -5.37 47.68
CA LYS D 240 8.00 -6.38 48.74
C LYS D 240 6.97 -6.10 49.82
N LYS D 241 6.72 -4.82 50.13
CA LYS D 241 5.76 -4.44 51.14
C LYS D 241 4.33 -4.48 50.60
N SER D 242 3.96 -5.59 49.97
CA SER D 242 2.59 -5.80 49.53
C SER D 242 1.72 -6.42 50.62
N ARG D 243 2.33 -7.05 51.62
CA ARG D 243 1.59 -7.62 52.74
C ARG D 243 1.67 -6.71 53.95
ZN ZN E . 9.24 -8.55 21.05
CL CL F . -23.18 15.28 18.92
ZN ZN G . -4.42 6.49 -23.12
#